data_1I35
#
_entry.id   1I35
#
_entity_poly.entity_id   1
_entity_poly.type   'polypeptide(L)'
_entity_poly.pdbx_seq_one_letter_code
;CILRFIACNGQTRAVQSRGDYQKTLAIALKKFSLEDASKFIVCVSQSSRIKLITEEEFKQICFNSSSPERDRLIIVPKEK
PCPSFEDLRRSWEIE
;
_entity_poly.pdbx_strand_id   A
#
# COMPACT_ATOMS: atom_id res chain seq x y z
N CYS A 1 3.33 15.09 2.38
CA CYS A 1 4.42 14.61 3.27
C CYS A 1 5.03 13.30 2.74
N ILE A 2 5.71 12.55 3.61
CA ILE A 2 6.32 11.30 3.20
C ILE A 2 5.42 10.12 3.51
N LEU A 3 5.28 9.22 2.54
CA LEU A 3 4.44 8.04 2.69
C LEU A 3 5.26 6.76 2.49
N ARG A 4 4.76 5.66 3.01
CA ARG A 4 5.46 4.38 2.89
C ARG A 4 4.64 3.39 2.11
N PHE A 5 5.28 2.72 1.17
CA PHE A 5 4.59 1.73 0.38
C PHE A 5 5.41 0.47 0.31
N ILE A 6 4.73 -0.63 0.51
CA ILE A 6 5.34 -1.90 0.48
C ILE A 6 4.50 -2.77 -0.43
N ALA A 7 5.13 -3.50 -1.32
CA ALA A 7 4.36 -4.29 -2.28
C ALA A 7 4.85 -5.71 -2.39
N CYS A 8 3.94 -6.61 -2.76
CA CYS A 8 4.32 -8.01 -2.86
C CYS A 8 4.65 -8.51 -1.47
N ASN A 9 5.00 -9.77 -1.35
CA ASN A 9 5.32 -10.33 -0.03
C ASN A 9 6.60 -9.73 0.55
N GLY A 10 7.67 -9.57 -0.24
CA GLY A 10 8.91 -9.05 0.32
C GLY A 10 9.53 -7.87 -0.45
N GLN A 11 8.71 -7.08 -1.14
CA GLN A 11 9.23 -5.91 -1.88
C GLN A 11 8.84 -4.63 -1.14
N THR A 12 9.78 -4.07 -0.36
CA THR A 12 9.48 -2.86 0.45
C THR A 12 10.29 -1.61 0.06
N ARG A 13 9.57 -0.49 -0.11
CA ARG A 13 10.19 0.81 -0.40
C ARG A 13 9.40 1.97 0.24
N ALA A 14 10.07 3.12 0.45
CA ALA A 14 9.39 4.29 1.05
C ALA A 14 9.49 5.55 0.16
N VAL A 15 8.33 6.12 -0.22
CA VAL A 15 8.32 7.30 -1.09
C VAL A 15 7.32 8.37 -0.66
N GLN A 16 7.72 9.63 -0.86
CA GLN A 16 6.87 10.77 -0.53
C GLN A 16 5.56 10.74 -1.32
N SER A 17 4.49 11.14 -0.64
CA SER A 17 3.17 11.21 -1.24
C SER A 17 2.44 12.48 -0.80
N ARG A 18 1.36 12.83 -1.51
CA ARG A 18 0.55 14.03 -1.20
C ARG A 18 -0.39 14.37 -2.35
N GLY A 19 -0.16 13.75 -3.50
CA GLY A 19 -1.00 13.96 -4.67
C GLY A 19 -1.83 12.73 -4.98
N ASP A 20 -2.62 12.31 -3.99
CA ASP A 20 -3.46 11.12 -4.14
C ASP A 20 -2.59 9.87 -4.09
N TYR A 21 -3.22 8.72 -3.87
CA TYR A 21 -2.48 7.47 -3.79
C TYR A 21 -2.19 6.90 -5.18
N GLN A 22 -2.80 7.48 -6.20
CA GLN A 22 -2.62 6.99 -7.56
C GLN A 22 -1.17 7.10 -8.01
N LYS A 23 -0.57 8.27 -7.85
CA LYS A 23 0.84 8.44 -8.23
C LYS A 23 1.71 7.52 -7.41
N THR A 24 1.47 7.53 -6.11
CA THR A 24 2.22 6.71 -5.18
C THR A 24 2.02 5.25 -5.54
N LEU A 25 0.77 4.86 -5.80
CA LEU A 25 0.47 3.50 -6.16
C LEU A 25 1.01 3.15 -7.55
N ALA A 26 0.72 4.00 -8.54
CA ALA A 26 1.17 3.70 -9.89
C ALA A 26 2.69 3.79 -10.08
N ILE A 27 3.33 4.90 -9.73
CA ILE A 27 4.75 5.00 -9.93
C ILE A 27 5.54 4.13 -8.94
N ALA A 28 5.06 4.05 -7.70
CA ALA A 28 5.72 3.25 -6.68
C ALA A 28 5.89 1.85 -7.16
N LEU A 29 4.82 1.30 -7.67
CA LEU A 29 4.80 -0.03 -8.19
C LEU A 29 5.64 -0.16 -9.46
N LYS A 30 5.72 0.90 -10.27
CA LYS A 30 6.45 0.80 -11.52
C LYS A 30 7.91 0.46 -11.26
N LYS A 31 8.54 1.16 -10.36
CA LYS A 31 9.90 0.85 -10.01
C LYS A 31 9.97 -0.36 -9.07
N PHE A 32 8.94 -0.46 -8.23
CA PHE A 32 8.89 -1.47 -7.16
C PHE A 32 8.60 -2.95 -7.46
N SER A 33 7.41 -3.28 -8.00
CA SER A 33 7.15 -4.67 -8.41
C SER A 33 7.13 -4.91 -9.92
N LEU A 34 6.35 -4.04 -10.59
CA LEU A 34 6.10 -4.11 -12.03
C LEU A 34 6.17 -2.73 -12.67
N GLU A 35 5.38 -2.47 -13.71
CA GLU A 35 5.37 -1.15 -14.33
C GLU A 35 4.03 -0.92 -15.03
N ASP A 36 3.51 0.30 -14.90
CA ASP A 36 2.18 0.65 -15.41
C ASP A 36 1.24 0.12 -14.34
N ALA A 37 1.51 0.64 -13.15
CA ALA A 37 0.84 0.31 -11.91
C ALA A 37 -0.55 0.86 -11.70
N SER A 38 -0.93 1.98 -12.32
CA SER A 38 -2.21 2.60 -11.97
C SER A 38 -3.31 1.56 -11.93
N LYS A 39 -3.16 0.47 -12.64
CA LYS A 39 -4.12 -0.59 -12.54
C LYS A 39 -4.23 -0.99 -11.10
N PHE A 40 -3.07 -1.31 -10.60
CA PHE A 40 -2.86 -1.72 -9.23
C PHE A 40 -3.71 -0.99 -8.21
N ILE A 41 -3.72 -1.54 -7.00
CA ILE A 41 -4.43 -0.99 -5.86
C ILE A 41 -3.58 -1.16 -4.63
N VAL A 42 -3.91 -0.45 -3.56
CA VAL A 42 -3.13 -0.58 -2.34
C VAL A 42 -4.01 -1.15 -1.23
N CYS A 43 -3.42 -1.87 -0.29
CA CYS A 43 -4.17 -2.50 0.79
C CYS A 43 -3.44 -2.34 2.12
N VAL A 44 -4.18 -2.17 3.22
CA VAL A 44 -3.57 -1.99 4.53
C VAL A 44 -4.26 -2.86 5.58
N SER A 45 -3.53 -3.16 6.66
CA SER A 45 -4.00 -4.02 7.75
C SER A 45 -5.27 -3.50 8.45
N GLN A 46 -6.19 -4.44 8.69
CA GLN A 46 -7.45 -4.13 9.36
C GLN A 46 -7.69 -5.06 10.56
N SER A 47 -8.33 -6.21 10.34
CA SER A 47 -8.61 -7.15 11.42
C SER A 47 -7.92 -8.49 11.16
N SER A 48 -8.62 -9.39 10.47
CA SER A 48 -8.07 -10.71 10.17
C SER A 48 -7.16 -10.66 8.94
N ARG A 49 -7.58 -9.90 7.94
CA ARG A 49 -6.81 -9.79 6.70
C ARG A 49 -6.58 -8.34 6.28
N ILE A 50 -6.08 -8.18 5.06
CA ILE A 50 -5.78 -6.86 4.49
C ILE A 50 -7.03 -6.22 3.90
N LYS A 51 -7.13 -4.90 4.06
CA LYS A 51 -8.28 -4.15 3.54
C LYS A 51 -7.94 -3.52 2.19
N LEU A 52 -8.94 -3.39 1.33
CA LEU A 52 -8.75 -2.79 0.01
C LEU A 52 -8.55 -1.29 0.14
N ILE A 53 -7.65 -0.74 -0.67
CA ILE A 53 -7.38 0.69 -0.62
C ILE A 53 -7.54 1.34 -2.00
N THR A 54 -8.37 2.38 -2.02
CA THR A 54 -8.70 3.13 -3.24
C THR A 54 -7.75 4.31 -3.55
N GLU A 55 -8.30 5.48 -3.94
CA GLU A 55 -7.48 6.62 -4.35
C GLU A 55 -6.92 7.54 -3.26
N GLU A 56 -7.58 8.66 -2.94
CA GLU A 56 -7.18 9.55 -1.83
C GLU A 56 -7.68 9.00 -0.48
N GLU A 57 -8.80 8.29 -0.63
CA GLU A 57 -9.54 7.67 0.46
C GLU A 57 -8.73 6.57 1.12
N PHE A 58 -7.84 5.99 0.35
CA PHE A 58 -7.05 4.85 0.80
C PHE A 58 -6.36 5.06 2.13
N LYS A 59 -5.80 6.24 2.37
CA LYS A 59 -5.14 6.47 3.65
C LYS A 59 -6.15 6.47 4.78
N GLN A 60 -7.22 7.20 4.61
CA GLN A 60 -8.25 7.30 5.64
C GLN A 60 -9.05 6.02 5.78
N ILE A 61 -9.30 5.29 4.69
CA ILE A 61 -10.10 4.09 4.81
C ILE A 61 -9.38 3.00 5.60
N CYS A 62 -8.16 2.67 5.18
CA CYS A 62 -7.40 1.63 5.87
C CYS A 62 -6.89 2.08 7.23
N PHE A 63 -6.27 3.25 7.26
CA PHE A 63 -5.68 3.81 8.47
C PHE A 63 -6.72 4.25 9.48
N ASN A 64 -8.00 4.25 9.08
CA ASN A 64 -9.11 4.65 9.95
C ASN A 64 -8.87 4.29 11.42
N SER A 65 -8.07 3.24 11.66
CA SER A 65 -7.75 2.81 13.02
C SER A 65 -7.20 3.97 13.87
N SER A 66 -6.85 5.07 13.21
CA SER A 66 -6.31 6.26 13.90
C SER A 66 -4.80 6.14 14.10
N SER A 67 -4.04 6.40 13.04
CA SER A 67 -2.59 6.33 13.08
C SER A 67 -1.97 7.64 12.62
N PRO A 68 -0.73 7.92 13.03
CA PRO A 68 -0.02 9.15 12.63
C PRO A 68 0.38 9.10 11.17
N GLU A 69 0.18 10.20 10.45
CA GLU A 69 0.53 10.30 9.02
C GLU A 69 0.27 9.00 8.25
N ARG A 70 0.62 8.99 6.97
CA ARG A 70 0.41 7.81 6.13
C ARG A 70 1.72 7.06 5.91
N ASP A 71 1.67 5.73 5.98
CA ASP A 71 2.86 4.93 5.80
C ASP A 71 2.54 3.48 5.37
N ARG A 72 2.42 2.60 6.35
CA ARG A 72 2.19 1.16 6.17
C ARG A 72 1.23 0.75 5.02
N LEU A 73 1.56 1.05 3.76
CA LEU A 73 0.70 0.61 2.64
C LEU A 73 1.37 -0.47 1.82
N ILE A 74 0.57 -1.24 1.07
CA ILE A 74 1.09 -2.32 0.25
C ILE A 74 0.60 -2.25 -1.22
N ILE A 75 1.52 -2.40 -2.20
CA ILE A 75 1.11 -2.37 -3.61
C ILE A 75 0.67 -3.75 -4.10
N VAL A 76 -0.47 -3.78 -4.82
CA VAL A 76 -1.00 -5.02 -5.39
C VAL A 76 -1.55 -4.80 -6.80
N PRO A 77 -1.32 -5.77 -7.72
CA PRO A 77 -1.81 -5.69 -9.10
C PRO A 77 -3.33 -5.76 -9.18
N LYS A 78 -3.93 -4.89 -10.00
CA LYS A 78 -5.38 -4.87 -10.16
C LYS A 78 -5.90 -6.14 -10.81
N GLU A 79 -5.27 -6.52 -11.91
CA GLU A 79 -5.67 -7.73 -12.64
C GLU A 79 -5.92 -8.89 -11.68
N LYS A 80 -5.01 -9.08 -10.75
CA LYS A 80 -5.11 -10.15 -9.77
C LYS A 80 -4.09 -9.95 -8.64
N PRO A 81 -4.56 -9.59 -7.43
CA PRO A 81 -3.68 -9.35 -6.26
C PRO A 81 -3.08 -10.63 -5.70
N CYS A 82 -2.65 -10.53 -4.44
CA CYS A 82 -2.04 -11.64 -3.73
C CYS A 82 -1.29 -11.16 -2.48
N PRO A 83 -0.61 -9.99 -2.53
CA PRO A 83 0.14 -9.47 -1.38
C PRO A 83 -0.72 -9.33 -0.13
N SER A 84 -0.08 -9.41 1.03
CA SER A 84 -0.76 -9.30 2.32
C SER A 84 0.23 -9.50 3.45
N PHE A 85 1.13 -10.45 3.23
CA PHE A 85 2.18 -10.77 4.19
C PHE A 85 3.02 -9.55 4.53
N GLU A 86 2.80 -8.45 3.82
CA GLU A 86 3.55 -7.24 4.05
C GLU A 86 3.04 -6.46 5.24
N ASP A 87 1.84 -5.89 5.13
CA ASP A 87 1.29 -5.15 6.27
C ASP A 87 1.16 -6.07 7.47
N LEU A 88 1.18 -7.39 7.21
CA LEU A 88 1.09 -8.37 8.28
C LEU A 88 2.37 -8.36 9.12
N ARG A 89 3.47 -8.83 8.54
CA ARG A 89 4.75 -8.87 9.24
C ARG A 89 5.53 -7.57 9.06
N ARG A 90 6.32 -7.22 10.07
CA ARG A 90 7.12 -5.99 10.05
C ARG A 90 6.22 -4.76 9.89
N SER A 91 4.95 -4.91 10.25
CA SER A 91 4.00 -3.81 10.14
C SER A 91 2.87 -3.92 11.15
N TRP A 92 2.56 -5.15 11.56
CA TRP A 92 1.49 -5.40 12.53
C TRP A 92 1.55 -4.43 13.70
N GLU A 93 2.75 -4.20 14.23
CA GLU A 93 2.92 -3.29 15.36
C GLU A 93 2.52 -1.86 14.99
N ILE A 94 3.31 -0.87 15.42
CA ILE A 94 3.00 0.51 15.12
C ILE A 94 4.13 1.18 14.37
N GLU A 95 4.19 0.94 13.07
CA GLU A 95 5.23 1.52 12.24
C GLU A 95 4.81 2.91 11.76
N CYS A 1 1.83 14.01 3.09
CA CYS A 1 3.16 13.74 3.70
C CYS A 1 3.71 12.39 3.26
N ILE A 2 4.86 12.02 3.78
CA ILE A 2 5.50 10.75 3.43
C ILE A 2 4.77 9.55 4.03
N LEU A 3 4.40 8.62 3.16
CA LEU A 3 3.70 7.38 3.57
C LEU A 3 4.54 6.17 3.19
N ARG A 4 4.23 5.01 3.78
CA ARG A 4 5.02 3.81 3.52
C ARG A 4 4.31 2.86 2.56
N PHE A 5 5.08 2.21 1.67
CA PHE A 5 4.47 1.29 0.71
C PHE A 5 5.10 -0.10 0.77
N ILE A 6 4.25 -1.13 0.83
CA ILE A 6 4.69 -2.51 0.81
C ILE A 6 4.09 -3.17 -0.40
N ALA A 7 4.86 -3.84 -1.20
CA ALA A 7 4.26 -4.42 -2.41
C ALA A 7 4.72 -5.83 -2.70
N CYS A 8 3.82 -6.65 -3.26
CA CYS A 8 4.18 -8.03 -3.61
C CYS A 8 5.16 -8.55 -2.58
N ASN A 9 6.21 -9.25 -3.00
CA ASN A 9 7.15 -9.68 -2.00
C ASN A 9 7.84 -8.43 -1.50
N GLY A 10 8.47 -7.70 -2.42
CA GLY A 10 9.16 -6.45 -2.11
C GLY A 10 8.80 -5.82 -0.80
N GLN A 11 9.80 -5.23 -0.19
CA GLN A 11 9.63 -4.58 1.07
C GLN A 11 8.71 -3.37 0.96
N THR A 12 9.27 -2.17 1.16
CA THR A 12 8.49 -0.95 1.13
C THR A 12 9.23 0.23 0.51
N ARG A 13 8.44 1.20 0.09
CA ARG A 13 8.97 2.44 -0.47
C ARG A 13 8.19 3.60 0.15
N ALA A 14 8.89 4.63 0.65
CA ALA A 14 8.17 5.74 1.26
C ALA A 14 8.22 7.01 0.42
N VAL A 15 7.03 7.45 0.03
CA VAL A 15 6.88 8.63 -0.82
C VAL A 15 5.91 9.66 -0.24
N GLN A 16 6.24 10.93 -0.44
CA GLN A 16 5.39 12.03 0.04
C GLN A 16 4.02 11.93 -0.61
N SER A 17 3.14 11.17 0.02
CA SER A 17 1.79 10.96 -0.49
C SER A 17 0.94 12.21 -0.40
N ARG A 18 0.35 12.57 -1.54
CA ARG A 18 -0.52 13.73 -1.65
C ARG A 18 -1.51 13.49 -2.79
N GLY A 19 -2.62 14.24 -2.79
CA GLY A 19 -3.66 14.12 -3.82
C GLY A 19 -3.45 13.00 -4.84
N ASP A 20 -4.55 12.42 -5.30
CA ASP A 20 -4.54 11.34 -6.29
C ASP A 20 -3.70 10.15 -5.81
N TYR A 21 -4.31 8.97 -5.88
CA TYR A 21 -3.67 7.74 -5.43
C TYR A 21 -2.94 7.03 -6.56
N GLN A 22 -3.51 7.09 -7.75
CA GLN A 22 -2.94 6.40 -8.90
C GLN A 22 -1.49 6.79 -9.16
N LYS A 23 -1.18 8.09 -9.09
CA LYS A 23 0.20 8.52 -9.32
C LYS A 23 1.13 7.99 -8.25
N THR A 24 0.74 8.15 -6.98
CA THR A 24 1.55 7.66 -5.87
C THR A 24 1.71 6.15 -5.99
N LEU A 25 0.61 5.49 -6.30
CA LEU A 25 0.58 4.04 -6.48
C LEU A 25 1.35 3.66 -7.75
N ALA A 26 1.09 4.38 -8.82
CA ALA A 26 1.72 4.08 -10.12
C ALA A 26 3.25 4.10 -10.03
N ILE A 27 3.81 5.17 -9.50
CA ILE A 27 5.23 5.26 -9.38
C ILE A 27 5.76 4.28 -8.33
N ALA A 28 4.97 4.01 -7.29
CA ALA A 28 5.41 3.10 -6.24
C ALA A 28 5.84 1.77 -6.87
N LEU A 29 4.97 1.20 -7.69
CA LEU A 29 5.26 -0.07 -8.35
C LEU A 29 6.39 0.00 -9.34
N LYS A 30 6.54 1.12 -10.04
CA LYS A 30 7.57 1.21 -11.06
C LYS A 30 8.92 0.97 -10.42
N LYS A 31 9.16 1.64 -9.33
CA LYS A 31 10.40 1.47 -8.59
C LYS A 31 10.40 0.17 -7.77
N PHE A 32 9.23 -0.17 -7.21
CA PHE A 32 9.15 -1.27 -6.26
C PHE A 32 9.22 -2.75 -6.70
N SER A 33 8.25 -3.25 -7.45
CA SER A 33 8.35 -4.61 -8.00
C SER A 33 8.47 -4.68 -9.51
N LEU A 34 7.54 -3.91 -10.11
CA LEU A 34 7.28 -3.91 -11.54
C LEU A 34 7.39 -2.55 -12.21
N GLU A 35 6.64 -2.40 -13.29
CA GLU A 35 6.58 -1.19 -14.07
C GLU A 35 5.13 -0.99 -14.50
N ASP A 36 4.79 0.24 -14.81
CA ASP A 36 3.42 0.57 -15.22
C ASP A 36 2.43 0.05 -14.19
N ALA A 37 2.39 0.74 -13.08
CA ALA A 37 1.54 0.41 -11.93
C ALA A 37 0.04 0.50 -12.17
N SER A 38 -0.44 1.29 -13.13
CA SER A 38 -1.87 1.54 -13.19
C SER A 38 -2.69 0.27 -12.99
N LYS A 39 -2.15 -0.91 -13.29
CA LYS A 39 -2.89 -2.09 -12.90
C LYS A 39 -2.35 -2.59 -11.62
N PHE A 40 -2.77 -1.90 -10.63
CA PHE A 40 -2.41 -2.21 -9.28
C PHE A 40 -3.46 -1.63 -8.32
N ILE A 41 -3.47 -2.13 -7.09
CA ILE A 41 -4.37 -1.65 -6.04
C ILE A 41 -3.57 -1.49 -4.76
N VAL A 42 -4.08 -0.71 -3.80
CA VAL A 42 -3.36 -0.55 -2.54
C VAL A 42 -4.24 -0.94 -1.37
N CYS A 43 -3.64 -1.42 -0.28
CA CYS A 43 -4.39 -1.84 0.88
C CYS A 43 -3.62 -1.57 2.18
N VAL A 44 -4.35 -1.61 3.30
CA VAL A 44 -3.76 -1.40 4.65
C VAL A 44 -3.71 -2.74 5.38
N SER A 45 -2.54 -3.12 5.90
CA SER A 45 -2.41 -4.39 6.61
C SER A 45 -2.32 -4.19 8.11
N GLN A 46 -3.48 -4.29 8.78
CA GLN A 46 -3.53 -4.16 10.22
C GLN A 46 -4.17 -5.39 10.84
N SER A 47 -3.38 -6.15 11.60
CA SER A 47 -3.87 -7.38 12.22
C SER A 47 -4.46 -8.33 11.17
N SER A 48 -5.31 -9.25 11.59
CA SER A 48 -5.91 -10.22 10.68
C SER A 48 -6.85 -9.55 9.66
N ARG A 49 -7.57 -8.52 10.11
CA ARG A 49 -8.49 -7.82 9.23
C ARG A 49 -7.78 -6.81 8.34
N ILE A 50 -7.66 -7.13 7.06
CA ILE A 50 -7.00 -6.25 6.11
C ILE A 50 -7.99 -5.22 5.54
N LYS A 51 -7.53 -3.99 5.39
CA LYS A 51 -8.39 -2.93 4.86
C LYS A 51 -8.11 -2.69 3.38
N LEU A 52 -9.15 -2.29 2.65
CA LEU A 52 -9.03 -2.04 1.22
C LEU A 52 -8.69 -0.59 0.92
N ILE A 53 -7.94 -0.37 -0.15
CA ILE A 53 -7.53 0.97 -0.55
C ILE A 53 -7.74 1.16 -2.06
N THR A 54 -8.69 2.04 -2.37
CA THR A 54 -9.08 2.37 -3.74
C THR A 54 -8.27 3.53 -4.34
N GLU A 55 -8.77 4.78 -4.23
CA GLU A 55 -8.06 5.92 -4.83
C GLU A 55 -7.93 7.16 -3.94
N GLU A 56 -8.98 8.00 -3.85
CA GLU A 56 -8.98 9.17 -2.96
C GLU A 56 -9.23 8.76 -1.50
N GLU A 57 -9.95 7.65 -1.42
CA GLU A 57 -10.33 7.02 -0.16
C GLU A 57 -9.12 6.37 0.51
N PHE A 58 -8.18 5.96 -0.32
CA PHE A 58 -7.01 5.24 0.13
C PHE A 58 -6.20 5.94 1.23
N LYS A 59 -5.85 7.20 1.05
CA LYS A 59 -5.04 7.86 2.06
C LYS A 59 -5.80 8.05 3.38
N GLN A 60 -6.97 8.63 3.30
CA GLN A 60 -7.76 8.86 4.50
C GLN A 60 -8.31 7.58 5.08
N ILE A 61 -8.82 6.71 4.21
CA ILE A 61 -9.41 5.47 4.69
C ILE A 61 -8.40 4.58 5.37
N CYS A 62 -7.24 4.34 4.78
CA CYS A 62 -6.27 3.44 5.38
C CYS A 62 -5.69 4.00 6.68
N PHE A 63 -5.26 5.24 6.64
CA PHE A 63 -4.64 5.85 7.80
C PHE A 63 -5.69 6.41 8.76
N ASN A 64 -6.84 6.79 8.22
CA ASN A 64 -7.92 7.34 9.05
C ASN A 64 -7.52 8.69 9.62
N SER A 65 -7.73 9.74 8.82
CA SER A 65 -7.41 11.10 9.24
C SER A 65 -5.91 11.28 9.41
N SER A 66 -5.38 10.80 10.53
CA SER A 66 -3.96 10.90 10.82
C SER A 66 -3.57 9.89 11.90
N SER A 67 -3.43 10.35 13.15
CA SER A 67 -3.07 9.46 14.26
C SER A 67 -1.80 8.68 13.99
N PRO A 68 -1.03 8.37 15.07
CA PRO A 68 0.20 7.60 14.96
C PRO A 68 -0.10 6.11 14.87
N GLU A 69 0.93 5.28 14.81
CA GLU A 69 0.78 3.83 14.69
C GLU A 69 0.83 3.46 13.21
N ARG A 70 0.08 2.43 12.81
CA ARG A 70 0.06 2.02 11.41
C ARG A 70 1.48 1.71 10.91
N ASP A 71 1.59 1.68 9.58
CA ASP A 71 2.83 1.40 8.87
C ASP A 71 2.46 1.14 7.43
N ARG A 72 3.44 1.03 6.53
CA ARG A 72 3.21 0.78 5.13
C ARG A 72 1.90 0.15 4.76
N LEU A 73 1.49 0.58 3.59
CA LEU A 73 0.33 0.05 2.93
C LEU A 73 0.81 -1.07 2.01
N ILE A 74 -0.07 -1.70 1.25
CA ILE A 74 0.38 -2.76 0.38
C ILE A 74 -0.08 -2.60 -1.05
N ILE A 75 0.79 -3.01 -1.95
CA ILE A 75 0.55 -2.92 -3.37
C ILE A 75 0.18 -4.25 -4.02
N VAL A 76 -0.83 -4.18 -4.87
CA VAL A 76 -1.32 -5.34 -5.62
C VAL A 76 -1.49 -4.97 -7.10
N PRO A 77 -1.27 -5.92 -8.04
CA PRO A 77 -1.35 -5.64 -9.51
C PRO A 77 -2.74 -5.42 -10.11
N LYS A 78 -3.75 -5.10 -9.29
CA LYS A 78 -5.11 -4.83 -9.79
C LYS A 78 -5.69 -5.97 -10.62
N GLU A 79 -4.84 -6.89 -10.97
CA GLU A 79 -5.25 -8.08 -11.70
C GLU A 79 -6.01 -8.99 -10.74
N LYS A 80 -5.68 -8.86 -9.45
CA LYS A 80 -6.31 -9.62 -8.37
C LYS A 80 -5.50 -9.46 -7.08
N PRO A 81 -5.96 -8.61 -6.14
CA PRO A 81 -5.25 -8.35 -4.88
C PRO A 81 -5.22 -9.54 -3.94
N CYS A 82 -4.99 -9.25 -2.66
CA CYS A 82 -4.93 -10.26 -1.60
C CYS A 82 -4.11 -11.48 -2.02
N PRO A 83 -2.82 -11.27 -2.41
CA PRO A 83 -1.95 -12.38 -2.83
C PRO A 83 -1.57 -13.29 -1.66
N SER A 84 -0.51 -12.95 -0.91
CA SER A 84 -0.07 -13.76 0.22
C SER A 84 1.31 -13.32 0.72
N PHE A 85 2.15 -12.85 -0.19
CA PHE A 85 3.50 -12.41 0.18
C PHE A 85 3.47 -11.34 1.25
N GLU A 86 2.71 -10.28 1.01
CA GLU A 86 2.60 -9.18 1.95
C GLU A 86 1.96 -9.62 3.27
N ASP A 87 0.86 -10.36 3.18
CA ASP A 87 0.17 -10.84 4.37
C ASP A 87 1.09 -11.66 5.27
N LEU A 88 2.08 -12.32 4.66
CA LEU A 88 3.03 -13.13 5.40
C LEU A 88 4.27 -12.32 5.77
N ARG A 89 5.24 -12.24 4.86
CA ARG A 89 6.47 -11.50 5.10
C ARG A 89 7.18 -12.03 6.36
N ARG A 90 8.17 -11.28 6.82
CA ARG A 90 8.93 -11.67 8.01
C ARG A 90 8.04 -11.63 9.25
N SER A 91 7.13 -10.67 9.29
CA SER A 91 6.22 -10.52 10.42
C SER A 91 5.28 -9.35 10.18
N TRP A 92 4.54 -9.39 9.08
CA TRP A 92 3.63 -8.32 8.72
C TRP A 92 4.37 -7.06 8.29
N GLU A 93 5.71 -7.07 8.47
CA GLU A 93 6.60 -5.95 8.11
C GLU A 93 7.24 -5.37 9.37
N ILE A 94 6.41 -5.08 10.37
CA ILE A 94 6.90 -4.53 11.63
C ILE A 94 6.45 -5.37 12.82
N GLU A 95 5.30 -6.02 12.68
CA GLU A 95 4.75 -6.87 13.74
C GLU A 95 4.21 -6.05 14.90
N CYS A 1 1.64 13.66 3.38
CA CYS A 1 2.53 13.04 4.41
C CYS A 1 3.29 11.86 3.85
N ILE A 2 4.40 11.51 4.49
CA ILE A 2 5.22 10.40 4.05
C ILE A 2 4.65 9.06 4.47
N LEU A 3 4.44 8.17 3.49
CA LEU A 3 3.89 6.85 3.78
C LEU A 3 4.87 5.73 3.42
N ARG A 4 4.62 4.57 3.99
CA ARG A 4 5.47 3.42 3.76
C ARG A 4 4.78 2.45 2.82
N PHE A 5 5.50 2.16 1.73
CA PHE A 5 5.03 1.30 0.66
C PHE A 5 5.72 -0.07 0.70
N ILE A 6 4.91 -1.10 0.52
CA ILE A 6 5.40 -2.46 0.45
C ILE A 6 4.81 -3.04 -0.83
N ALA A 7 5.57 -3.81 -1.58
CA ALA A 7 5.00 -4.34 -2.82
C ALA A 7 5.42 -5.75 -3.17
N CYS A 8 4.63 -6.41 -4.01
CA CYS A 8 4.99 -7.75 -4.44
C CYS A 8 5.01 -8.69 -3.24
N ASN A 9 5.60 -9.85 -3.42
CA ASN A 9 5.64 -10.81 -2.33
C ASN A 9 6.40 -10.23 -1.14
N GLY A 10 7.59 -9.67 -1.35
CA GLY A 10 8.32 -9.10 -0.24
C GLY A 10 9.02 -7.78 -0.52
N GLN A 11 8.78 -7.15 -1.67
CA GLN A 11 9.43 -5.86 -1.95
C GLN A 11 9.25 -4.96 -0.72
N THR A 12 10.05 -3.89 -0.61
CA THR A 12 9.79 -2.90 0.45
C THR A 12 10.43 -1.55 0.10
N ARG A 13 9.68 -0.47 0.11
CA ARG A 13 10.28 0.86 -0.13
C ARG A 13 9.52 1.98 0.63
N ALA A 14 10.16 3.14 0.89
CA ALA A 14 9.45 4.20 1.59
C ALA A 14 9.41 5.51 0.81
N VAL A 15 8.18 5.91 0.48
CA VAL A 15 7.96 7.10 -0.33
C VAL A 15 6.92 8.05 0.24
N GLN A 16 7.19 9.33 0.04
CA GLN A 16 6.30 10.36 0.50
C GLN A 16 5.06 10.45 -0.38
N SER A 17 3.91 10.62 0.26
CA SER A 17 2.65 10.73 -0.46
C SER A 17 2.12 12.16 -0.41
N ARG A 18 1.98 12.77 -1.59
CA ARG A 18 1.50 14.14 -1.68
C ARG A 18 0.04 14.25 -1.26
N GLY A 19 -0.88 13.79 -2.12
CA GLY A 19 -2.28 13.88 -1.78
C GLY A 19 -3.12 12.78 -2.42
N ASP A 20 -2.62 12.20 -3.52
CA ASP A 20 -3.35 11.14 -4.21
C ASP A 20 -2.58 9.83 -4.12
N TYR A 21 -3.31 8.74 -3.90
CA TYR A 21 -2.68 7.42 -3.81
C TYR A 21 -2.41 6.84 -5.18
N GLN A 22 -3.11 7.33 -6.19
CA GLN A 22 -2.94 6.82 -7.54
C GLN A 22 -1.54 7.14 -8.05
N LYS A 23 -1.12 8.40 -7.89
CA LYS A 23 0.20 8.81 -8.32
C LYS A 23 1.26 8.06 -7.53
N THR A 24 1.09 8.03 -6.21
CA THR A 24 2.02 7.34 -5.33
C THR A 24 2.02 5.85 -5.66
N LEU A 25 0.83 5.28 -5.80
CA LEU A 25 0.68 3.88 -6.13
C LEU A 25 1.23 3.62 -7.53
N ALA A 26 0.89 4.52 -8.46
CA ALA A 26 1.34 4.36 -9.83
C ALA A 26 2.87 4.40 -9.92
N ILE A 27 3.49 5.43 -9.33
CA ILE A 27 4.92 5.54 -9.36
C ILE A 27 5.60 4.52 -8.45
N ALA A 28 5.04 4.30 -7.26
CA ALA A 28 5.62 3.37 -6.30
C ALA A 28 5.80 2.01 -6.94
N LEU A 29 4.79 1.58 -7.69
CA LEU A 29 4.82 0.32 -8.41
C LEU A 29 5.79 0.36 -9.58
N LYS A 30 5.92 1.53 -10.21
CA LYS A 30 6.77 1.63 -11.38
C LYS A 30 8.20 1.23 -11.01
N LYS A 31 8.68 1.77 -9.92
CA LYS A 31 9.99 1.43 -9.43
C LYS A 31 10.01 0.06 -8.70
N PHE A 32 8.90 -0.22 -7.99
CA PHE A 32 8.81 -1.40 -7.09
C PHE A 32 8.64 -2.83 -7.64
N SER A 33 7.54 -3.10 -8.34
CA SER A 33 7.36 -4.40 -8.98
C SER A 33 7.41 -4.41 -10.51
N LEU A 34 6.61 -3.47 -11.06
CA LEU A 34 6.39 -3.34 -12.49
C LEU A 34 6.37 -1.90 -12.97
N GLU A 35 5.47 -1.62 -13.92
CA GLU A 35 5.26 -0.29 -14.49
C GLU A 35 3.79 -0.21 -14.88
N ASP A 36 3.27 1.00 -15.00
CA ASP A 36 1.85 1.17 -15.32
C ASP A 36 1.05 0.56 -14.18
N ALA A 37 1.05 1.28 -13.08
CA ALA A 37 0.39 0.91 -11.84
C ALA A 37 -1.12 1.07 -11.79
N SER A 38 -1.72 1.93 -12.62
CA SER A 38 -3.15 2.20 -12.47
C SER A 38 -3.93 0.90 -12.30
N LYS A 39 -3.41 -0.21 -12.80
CA LYS A 39 -4.07 -1.48 -12.55
C LYS A 39 -3.42 -2.17 -11.40
N PHE A 40 -3.34 -1.41 -10.38
CA PHE A 40 -2.75 -1.86 -9.14
C PHE A 40 -3.59 -1.39 -7.95
N ILE A 41 -3.60 -2.15 -6.87
CA ILE A 41 -4.33 -1.80 -5.67
C ILE A 41 -3.42 -1.91 -4.46
N VAL A 42 -3.68 -1.11 -3.43
CA VAL A 42 -2.87 -1.15 -2.21
C VAL A 42 -3.77 -1.43 -1.04
N CYS A 43 -3.35 -2.19 0.00
CA CYS A 43 -4.26 -2.43 1.11
C CYS A 43 -3.54 -2.32 2.46
N VAL A 44 -4.17 -1.65 3.43
CA VAL A 44 -3.56 -1.48 4.77
C VAL A 44 -4.50 -1.88 5.89
N SER A 45 -3.91 -2.04 7.08
CA SER A 45 -4.61 -2.41 8.31
C SER A 45 -3.92 -3.61 8.97
N GLN A 46 -3.69 -3.49 10.27
CA GLN A 46 -3.04 -4.57 11.02
C GLN A 46 -4.07 -5.59 11.49
N SER A 47 -3.61 -6.81 11.73
CA SER A 47 -4.47 -7.89 12.17
C SER A 47 -5.52 -8.22 11.11
N SER A 48 -6.49 -9.05 11.48
CA SER A 48 -7.56 -9.45 10.57
C SER A 48 -8.35 -8.25 10.07
N ARG A 49 -8.29 -7.14 10.80
CA ARG A 49 -9.03 -5.93 10.44
C ARG A 49 -8.40 -5.21 9.24
N ILE A 50 -8.13 -5.94 8.16
CA ILE A 50 -7.53 -5.35 6.96
C ILE A 50 -8.55 -4.56 6.14
N LYS A 51 -8.13 -3.43 5.57
CA LYS A 51 -9.02 -2.58 4.77
C LYS A 51 -8.45 -2.31 3.38
N LEU A 52 -9.34 -2.20 2.39
CA LEU A 52 -8.93 -1.94 1.01
C LEU A 52 -8.46 -0.49 0.82
N ILE A 53 -7.30 -0.34 0.19
CA ILE A 53 -6.72 0.97 -0.07
C ILE A 53 -6.89 1.38 -1.53
N THR A 54 -7.63 2.47 -1.70
CA THR A 54 -7.95 3.03 -3.01
C THR A 54 -7.95 4.58 -3.00
N GLU A 55 -7.29 5.14 -4.01
CA GLU A 55 -7.20 6.59 -4.23
C GLU A 55 -7.00 7.45 -2.96
N GLU A 56 -7.85 8.48 -2.79
CA GLU A 56 -7.89 9.35 -1.60
C GLU A 56 -8.57 8.64 -0.44
N GLU A 57 -9.37 7.65 -0.81
CA GLU A 57 -10.11 6.82 0.11
C GLU A 57 -9.18 5.90 0.90
N PHE A 58 -8.06 5.55 0.27
CA PHE A 58 -7.11 4.61 0.85
C PHE A 58 -6.58 5.02 2.22
N LYS A 59 -6.01 6.21 2.34
CA LYS A 59 -5.48 6.65 3.61
C LYS A 59 -6.57 6.97 4.62
N GLN A 60 -7.53 7.75 4.22
CA GLN A 60 -8.60 8.16 5.11
C GLN A 60 -9.50 6.99 5.53
N ILE A 61 -9.86 6.13 4.60
CA ILE A 61 -10.76 5.02 4.94
C ILE A 61 -10.07 3.95 5.77
N CYS A 62 -8.91 3.44 5.36
CA CYS A 62 -8.22 2.42 6.13
C CYS A 62 -7.59 2.99 7.40
N PHE A 63 -6.81 4.05 7.21
CA PHE A 63 -6.13 4.70 8.32
C PHE A 63 -7.10 5.47 9.21
N ASN A 64 -8.32 5.66 8.72
CA ASN A 64 -9.35 6.37 9.47
C ASN A 64 -9.00 7.84 9.64
N SER A 65 -9.53 8.66 8.74
CA SER A 65 -9.28 10.10 8.77
C SER A 65 -9.25 10.65 10.20
N SER A 66 -8.04 10.91 10.68
CA SER A 66 -7.86 11.44 12.03
C SER A 66 -6.49 12.10 12.17
N SER A 67 -5.44 11.37 11.78
CA SER A 67 -4.08 11.90 11.87
C SER A 67 -3.12 11.06 11.02
N PRO A 68 -1.89 11.58 10.78
CA PRO A 68 -0.87 10.90 9.97
C PRO A 68 -0.18 9.75 10.69
N GLU A 69 -0.82 8.58 10.70
CA GLU A 69 -0.28 7.40 11.38
C GLU A 69 0.94 6.80 10.65
N ARG A 70 0.84 6.65 9.33
CA ARG A 70 1.94 6.09 8.52
C ARG A 70 2.20 4.61 8.86
N ASP A 71 2.11 3.71 7.86
CA ASP A 71 2.35 2.28 8.13
C ASP A 71 2.45 1.35 6.88
N ARG A 72 3.68 1.07 6.39
CA ARG A 72 4.04 0.16 5.26
C ARG A 72 3.05 -0.33 4.20
N LEU A 73 1.90 0.25 3.98
CA LEU A 73 0.95 -0.28 2.96
C LEU A 73 1.59 -1.24 1.90
N ILE A 74 0.74 -2.00 1.19
CA ILE A 74 1.21 -2.96 0.17
C ILE A 74 0.63 -2.69 -1.23
N ILE A 75 1.47 -2.95 -2.26
CA ILE A 75 1.08 -2.77 -3.67
C ILE A 75 0.82 -4.07 -4.40
N VAL A 76 -0.27 -4.06 -5.16
CA VAL A 76 -0.66 -5.20 -5.97
C VAL A 76 -1.10 -4.75 -7.38
N PRO A 77 -0.83 -5.58 -8.41
CA PRO A 77 -1.15 -5.26 -9.81
C PRO A 77 -2.56 -5.63 -10.26
N LYS A 78 -3.54 -5.50 -9.38
CA LYS A 78 -4.94 -5.77 -9.71
C LYS A 78 -5.19 -7.18 -10.25
N GLU A 79 -4.60 -7.51 -11.40
CA GLU A 79 -4.80 -8.83 -12.01
C GLU A 79 -4.10 -9.95 -11.23
N LYS A 80 -3.78 -9.67 -9.97
CA LYS A 80 -3.12 -10.63 -9.09
C LYS A 80 -2.64 -9.92 -7.84
N PRO A 81 -3.55 -9.63 -6.90
CA PRO A 81 -3.19 -8.92 -5.67
C PRO A 81 -2.28 -9.74 -4.77
N CYS A 82 -2.28 -9.39 -3.49
CA CYS A 82 -1.45 -10.07 -2.50
C CYS A 82 -1.79 -11.55 -2.45
N PRO A 83 -0.93 -12.42 -3.03
CA PRO A 83 -1.16 -13.86 -3.01
C PRO A 83 -1.00 -14.45 -1.61
N SER A 84 -0.03 -13.93 -0.86
CA SER A 84 0.20 -14.42 0.49
C SER A 84 1.35 -13.66 1.18
N PHE A 85 2.50 -13.60 0.51
CA PHE A 85 3.68 -12.93 1.07
C PHE A 85 3.51 -11.42 1.21
N GLU A 86 2.98 -10.78 0.17
CA GLU A 86 2.80 -9.32 0.18
C GLU A 86 2.27 -8.80 1.53
N ASP A 87 1.25 -9.46 2.07
CA ASP A 87 0.66 -9.02 3.34
C ASP A 87 1.30 -9.72 4.54
N LEU A 88 1.56 -11.02 4.41
CA LEU A 88 2.16 -11.77 5.50
C LEU A 88 3.63 -11.39 5.72
N ARG A 89 4.34 -11.22 4.60
CA ARG A 89 5.76 -10.85 4.63
C ARG A 89 6.51 -11.60 5.72
N ARG A 90 6.11 -12.85 5.95
CA ARG A 90 6.75 -13.67 6.97
C ARG A 90 6.77 -12.95 8.31
N SER A 91 5.81 -13.27 9.18
CA SER A 91 5.71 -12.65 10.49
C SER A 91 5.16 -11.23 10.38
N TRP A 92 4.12 -11.09 9.56
CA TRP A 92 3.47 -9.80 9.36
C TRP A 92 3.30 -9.06 10.69
N GLU A 93 2.37 -9.50 11.54
CA GLU A 93 2.14 -8.85 12.85
C GLU A 93 2.08 -7.32 12.74
N ILE A 94 2.32 -6.79 11.54
CA ILE A 94 2.29 -5.36 11.30
C ILE A 94 2.28 -5.08 9.81
N GLU A 95 1.36 -4.24 9.41
CA GLU A 95 1.20 -3.86 8.01
C GLU A 95 2.26 -2.84 7.62
N CYS A 1 3.16 13.88 2.94
CA CYS A 1 4.24 13.30 3.78
C CYS A 1 4.74 11.98 3.20
N ILE A 2 5.87 11.50 3.72
CA ILE A 2 6.44 10.26 3.25
C ILE A 2 5.70 9.05 3.83
N LEU A 3 5.22 8.19 2.95
CA LEU A 3 4.50 6.99 3.35
C LEU A 3 5.31 5.76 2.97
N ARG A 4 4.96 4.61 3.54
CA ARG A 4 5.69 3.38 3.27
C ARG A 4 4.79 2.39 2.60
N PHE A 5 5.19 1.95 1.42
CA PHE A 5 4.39 0.99 0.71
C PHE A 5 5.09 -0.33 0.57
N ILE A 6 4.33 -1.36 0.90
CA ILE A 6 4.79 -2.70 0.76
C ILE A 6 4.04 -3.26 -0.40
N ALA A 7 4.70 -3.78 -1.35
CA ALA A 7 4.08 -4.31 -2.54
C ALA A 7 3.74 -5.77 -2.43
N CYS A 8 3.50 -6.38 -3.60
CA CYS A 8 3.32 -7.82 -3.75
C CYS A 8 3.55 -8.63 -2.45
N ASN A 9 4.06 -9.87 -2.61
CA ASN A 9 4.28 -10.80 -1.50
C ASN A 9 5.19 -10.25 -0.41
N GLY A 10 6.31 -9.66 -0.78
CA GLY A 10 7.22 -9.14 0.24
C GLY A 10 8.24 -8.17 -0.29
N GLN A 11 7.77 -6.98 -0.66
CA GLN A 11 8.66 -5.95 -1.18
C GLN A 11 8.29 -4.58 -0.58
N THR A 12 9.29 -3.85 -0.10
CA THR A 12 9.04 -2.55 0.51
C THR A 12 9.82 -1.42 -0.16
N ARG A 13 9.13 -0.30 -0.36
CA ARG A 13 9.73 0.87 -0.99
C ARG A 13 9.21 2.16 -0.34
N ALA A 14 9.97 3.25 -0.47
CA ALA A 14 9.56 4.52 0.11
C ALA A 14 8.99 5.49 -0.93
N VAL A 15 8.05 6.30 -0.45
CA VAL A 15 7.50 7.39 -1.29
C VAL A 15 7.09 8.65 -0.54
N GLN A 16 7.33 9.80 -1.16
CA GLN A 16 6.90 11.07 -0.60
C GLN A 16 5.62 11.50 -1.31
N SER A 17 4.50 11.35 -0.63
CA SER A 17 3.21 11.68 -1.24
C SER A 17 2.31 12.47 -0.30
N ARG A 18 1.50 13.35 -0.88
CA ARG A 18 0.58 14.16 -0.11
C ARG A 18 -0.58 14.66 -0.97
N GLY A 19 -0.84 13.97 -2.08
CA GLY A 19 -1.91 14.35 -2.98
C GLY A 19 -2.78 13.17 -3.35
N ASP A 20 -2.81 12.85 -4.64
CA ASP A 20 -3.61 11.73 -5.11
C ASP A 20 -2.81 10.43 -4.99
N TYR A 21 -3.52 9.32 -4.82
CA TYR A 21 -2.88 8.02 -4.66
C TYR A 21 -2.43 7.45 -6.02
N GLN A 22 -3.09 7.88 -7.08
CA GLN A 22 -2.80 7.37 -8.42
C GLN A 22 -1.36 7.65 -8.84
N LYS A 23 -0.90 8.87 -8.64
CA LYS A 23 0.46 9.21 -9.02
C LYS A 23 1.48 8.44 -8.17
N THR A 24 1.28 8.46 -6.87
CA THR A 24 2.18 7.75 -5.96
C THR A 24 2.08 6.26 -6.22
N LEU A 25 0.87 5.79 -6.50
CA LEU A 25 0.64 4.39 -6.79
C LEU A 25 1.29 4.05 -8.13
N ALA A 26 1.05 4.89 -9.13
CA ALA A 26 1.62 4.61 -10.45
C ALA A 26 3.15 4.55 -10.39
N ILE A 27 3.78 5.58 -9.85
CA ILE A 27 5.22 5.63 -9.77
C ILE A 27 5.78 4.62 -8.76
N ALA A 28 5.05 4.36 -7.65
CA ALA A 28 5.54 3.43 -6.66
C ALA A 28 5.88 2.13 -7.37
N LEU A 29 4.89 1.63 -8.11
CA LEU A 29 5.02 0.38 -8.82
C LEU A 29 6.08 0.38 -9.87
N LYS A 30 6.28 1.50 -10.56
CA LYS A 30 7.26 1.51 -11.62
C LYS A 30 8.61 1.14 -11.05
N LYS A 31 8.96 1.75 -9.95
CA LYS A 31 10.18 1.41 -9.29
C LYS A 31 10.07 0.10 -8.50
N PHE A 32 8.89 -0.12 -7.89
CA PHE A 32 8.71 -1.26 -6.97
C PHE A 32 8.56 -2.71 -7.49
N SER A 33 7.48 -3.05 -8.21
CA SER A 33 7.37 -4.42 -8.76
C SER A 33 7.55 -4.46 -10.27
N LEU A 34 6.77 -3.55 -10.89
CA LEU A 34 6.66 -3.39 -12.33
C LEU A 34 6.78 -1.91 -12.72
N GLU A 35 6.09 -1.51 -13.79
CA GLU A 35 6.09 -0.10 -14.19
C GLU A 35 4.86 0.16 -15.03
N ASP A 36 4.23 1.32 -14.85
CA ASP A 36 2.99 1.64 -15.53
C ASP A 36 1.86 1.09 -14.69
N ALA A 37 1.87 1.45 -13.40
CA ALA A 37 0.97 0.97 -12.35
C ALA A 37 -0.54 1.12 -12.45
N SER A 38 -1.16 2.04 -13.18
CA SER A 38 -2.60 2.23 -12.98
C SER A 38 -3.35 0.92 -12.81
N LYS A 39 -2.84 -0.18 -13.32
CA LYS A 39 -3.50 -1.44 -13.01
C LYS A 39 -2.84 -2.02 -11.79
N PHE A 40 -3.11 -1.36 -10.73
CA PHE A 40 -2.62 -1.74 -9.43
C PHE A 40 -3.58 -1.24 -8.31
N ILE A 41 -3.50 -1.82 -7.10
CA ILE A 41 -4.35 -1.40 -5.95
C ILE A 41 -3.51 -1.27 -4.67
N VAL A 42 -4.00 -0.46 -3.70
CA VAL A 42 -3.27 -0.27 -2.45
C VAL A 42 -4.11 -0.60 -1.20
N CYS A 43 -3.43 -1.09 -0.18
CA CYS A 43 -4.08 -1.48 1.08
C CYS A 43 -3.32 -0.94 2.29
N VAL A 44 -4.00 -0.81 3.44
CA VAL A 44 -3.38 -0.31 4.67
C VAL A 44 -3.80 -1.19 5.85
N SER A 45 -2.95 -1.32 6.86
CA SER A 45 -3.27 -2.17 8.03
C SER A 45 -2.85 -1.48 9.33
N GLN A 46 -2.26 -2.26 10.24
CA GLN A 46 -1.81 -1.75 11.54
C GLN A 46 -1.34 -2.89 12.42
N SER A 47 -2.12 -3.97 12.44
CA SER A 47 -1.79 -5.15 13.25
C SER A 47 -2.89 -6.21 13.15
N SER A 48 -4.13 -5.76 13.03
CA SER A 48 -5.27 -6.67 12.96
C SER A 48 -5.40 -7.30 11.57
N ARG A 49 -5.31 -6.50 10.51
CA ARG A 49 -5.44 -7.01 9.15
C ARG A 49 -5.41 -5.88 8.12
N ILE A 50 -4.93 -6.20 6.91
CA ILE A 50 -4.86 -5.23 5.83
C ILE A 50 -6.15 -5.24 5.00
N LYS A 51 -6.60 -4.06 4.58
CA LYS A 51 -7.83 -3.95 3.78
C LYS A 51 -7.52 -3.44 2.38
N LEU A 52 -8.10 -4.10 1.38
CA LEU A 52 -7.90 -3.70 -0.01
C LEU A 52 -8.50 -2.33 -0.29
N ILE A 53 -7.89 -1.58 -1.20
CA ILE A 53 -8.36 -0.23 -1.50
C ILE A 53 -8.16 0.14 -2.98
N THR A 54 -9.07 0.96 -3.49
CA THR A 54 -9.03 1.42 -4.88
C THR A 54 -7.99 2.52 -5.09
N GLU A 55 -8.39 3.77 -4.84
CA GLU A 55 -7.50 4.92 -5.03
C GLU A 55 -7.82 5.99 -3.97
N GLU A 56 -8.38 7.12 -4.40
CA GLU A 56 -8.60 8.25 -3.51
C GLU A 56 -9.26 7.76 -2.20
N GLU A 57 -9.97 6.67 -2.27
CA GLU A 57 -10.56 6.05 -1.08
C GLU A 57 -9.45 5.60 -0.12
N PHE A 58 -8.29 5.27 -0.69
CA PHE A 58 -7.14 4.74 0.05
C PHE A 58 -6.69 5.61 1.22
N LYS A 59 -6.43 6.88 1.00
CA LYS A 59 -5.97 7.73 2.10
C LYS A 59 -7.05 7.96 3.16
N GLN A 60 -8.23 8.38 2.73
CA GLN A 60 -9.31 8.67 3.66
C GLN A 60 -9.91 7.42 4.32
N ILE A 61 -10.16 6.37 3.53
CA ILE A 61 -10.76 5.16 4.08
C ILE A 61 -9.76 4.35 4.91
N CYS A 62 -8.55 4.19 4.41
CA CYS A 62 -7.54 3.42 5.13
C CYS A 62 -7.14 4.12 6.41
N PHE A 63 -6.79 5.39 6.28
CA PHE A 63 -6.37 6.19 7.40
C PHE A 63 -7.57 6.74 8.19
N ASN A 64 -8.77 6.61 7.60
CA ASN A 64 -10.01 7.08 8.22
C ASN A 64 -9.96 7.02 9.74
N SER A 65 -9.76 5.82 10.27
CA SER A 65 -9.70 5.64 11.72
C SER A 65 -8.37 6.14 12.29
N SER A 66 -8.45 6.93 13.35
CA SER A 66 -7.26 7.48 13.99
C SER A 66 -6.37 6.35 14.51
N SER A 67 -5.23 6.16 13.86
CA SER A 67 -4.30 5.11 14.27
C SER A 67 -2.85 5.49 13.90
N PRO A 68 -1.94 5.52 14.90
CA PRO A 68 -0.54 5.85 14.65
C PRO A 68 0.10 4.83 13.71
N GLU A 69 0.36 3.63 14.22
CA GLU A 69 0.99 2.55 13.46
C GLU A 69 1.03 2.79 11.95
N ARG A 70 -0.06 2.46 11.24
CA ARG A 70 -0.11 2.59 9.76
C ARG A 70 1.29 2.56 9.16
N ASP A 71 1.68 3.59 8.41
CA ASP A 71 3.00 3.62 7.79
C ASP A 71 3.14 2.40 6.92
N ARG A 72 2.06 2.07 6.24
CA ARG A 72 2.01 0.94 5.38
C ARG A 72 1.07 1.21 4.23
N LEU A 73 1.44 0.66 3.12
CA LEU A 73 0.65 0.71 1.91
C LEU A 73 1.12 -0.35 0.94
N ILE A 74 0.40 -1.44 0.89
CA ILE A 74 0.79 -2.54 0.03
C ILE A 74 0.32 -2.37 -1.38
N ILE A 75 1.26 -2.53 -2.30
CA ILE A 75 0.95 -2.41 -3.70
C ILE A 75 0.68 -3.75 -4.37
N VAL A 76 -0.40 -3.75 -5.13
CA VAL A 76 -0.84 -4.93 -5.87
C VAL A 76 -1.21 -4.56 -7.32
N PRO A 77 -0.79 -5.37 -8.31
CA PRO A 77 -1.09 -5.12 -9.74
C PRO A 77 -2.55 -5.37 -10.13
N LYS A 78 -3.48 -4.82 -9.34
CA LYS A 78 -4.92 -4.95 -9.62
C LYS A 78 -5.30 -6.40 -9.97
N GLU A 79 -5.24 -6.76 -11.26
CA GLU A 79 -5.60 -8.10 -11.71
C GLU A 79 -4.83 -9.19 -10.96
N LYS A 80 -3.79 -8.81 -10.24
CA LYS A 80 -3.00 -9.77 -9.46
C LYS A 80 -2.68 -9.20 -8.09
N PRO A 81 -3.65 -9.19 -7.16
CA PRO A 81 -3.44 -8.65 -5.82
C PRO A 81 -2.54 -9.54 -4.95
N CYS A 82 -2.68 -9.40 -3.65
CA CYS A 82 -1.90 -10.17 -2.69
C CYS A 82 -2.81 -10.82 -1.65
N PRO A 83 -2.48 -12.05 -1.22
CA PRO A 83 -3.29 -12.78 -0.24
C PRO A 83 -3.13 -12.25 1.19
N SER A 84 -2.06 -12.65 1.86
CA SER A 84 -1.81 -12.21 3.24
C SER A 84 -0.35 -11.83 3.46
N PHE A 85 0.54 -12.31 2.60
CA PHE A 85 1.97 -12.00 2.70
C PHE A 85 2.15 -10.50 2.93
N GLU A 86 1.22 -9.73 2.38
CA GLU A 86 1.23 -8.29 2.50
C GLU A 86 1.16 -7.85 3.96
N ASP A 87 0.27 -8.49 4.72
CA ASP A 87 0.08 -8.17 6.13
C ASP A 87 1.29 -8.57 6.96
N LEU A 88 1.73 -9.81 6.82
CA LEU A 88 2.87 -10.30 7.58
C LEU A 88 4.17 -9.65 7.14
N ARG A 89 4.47 -9.74 5.84
CA ARG A 89 5.70 -9.16 5.30
C ARG A 89 6.95 -9.84 5.87
N ARG A 90 6.76 -11.04 6.44
CA ARG A 90 7.86 -11.80 7.04
C ARG A 90 8.28 -11.28 8.41
N SER A 91 8.11 -9.98 8.66
CA SER A 91 8.50 -9.40 9.93
C SER A 91 7.29 -8.90 10.73
N TRP A 92 6.30 -8.34 10.04
CA TRP A 92 5.09 -7.81 10.69
C TRP A 92 5.38 -6.46 11.36
N GLU A 93 6.45 -6.40 12.16
CA GLU A 93 6.80 -5.18 12.87
C GLU A 93 7.51 -4.17 11.96
N ILE A 94 7.04 -4.05 10.72
CA ILE A 94 7.63 -3.08 9.80
C ILE A 94 6.89 -1.76 9.89
N GLU A 95 5.86 -1.75 10.73
CA GLU A 95 5.04 -0.56 10.95
C GLU A 95 5.88 0.70 11.05
N CYS A 1 1.78 14.54 1.08
CA CYS A 1 2.98 14.30 1.92
C CYS A 1 3.58 12.92 1.63
N ILE A 2 4.58 12.53 2.42
CA ILE A 2 5.23 11.24 2.24
C ILE A 2 4.52 10.14 3.01
N LEU A 3 4.17 9.09 2.30
CA LEU A 3 3.49 7.92 2.86
C LEU A 3 4.33 6.67 2.61
N ARG A 4 4.03 5.58 3.33
CA ARG A 4 4.82 4.36 3.16
C ARG A 4 4.02 3.28 2.47
N PHE A 5 4.53 2.81 1.34
CA PHE A 5 3.87 1.76 0.59
C PHE A 5 4.61 0.45 0.75
N ILE A 6 3.88 -0.63 1.01
CA ILE A 6 4.49 -1.93 1.09
C ILE A 6 3.84 -2.82 0.05
N ALA A 7 4.65 -3.40 -0.80
CA ALA A 7 4.11 -4.23 -1.87
C ALA A 7 4.93 -5.48 -2.16
N CYS A 8 4.28 -6.43 -2.83
CA CYS A 8 4.91 -7.71 -3.21
C CYS A 8 4.62 -8.71 -2.12
N ASN A 9 5.60 -9.30 -1.42
CA ASN A 9 5.17 -9.96 -0.20
C ASN A 9 5.26 -8.82 0.80
N GLY A 10 6.52 -8.42 0.95
CA GLY A 10 6.89 -7.38 1.91
C GLY A 10 7.96 -6.41 1.45
N GLN A 11 7.77 -5.79 0.29
CA GLN A 11 8.71 -4.79 -0.18
C GLN A 11 8.29 -3.44 0.38
N THR A 12 9.20 -2.67 0.97
CA THR A 12 8.81 -1.40 1.56
C THR A 12 9.57 -0.21 0.99
N ARG A 13 8.80 0.80 0.59
CA ARG A 13 9.31 2.06 0.06
C ARG A 13 8.38 3.19 0.49
N ALA A 14 8.90 4.42 0.63
CA ALA A 14 8.03 5.54 1.01
C ALA A 14 8.09 6.69 0.00
N VAL A 15 6.93 7.00 -0.57
CA VAL A 15 6.85 8.02 -1.61
C VAL A 15 6.08 9.27 -1.20
N GLN A 16 6.58 10.41 -1.68
CA GLN A 16 5.97 11.71 -1.41
C GLN A 16 4.72 11.87 -2.26
N SER A 17 3.58 11.50 -1.70
CA SER A 17 2.31 11.58 -2.41
C SER A 17 1.73 12.99 -2.44
N ARG A 18 1.92 13.66 -3.57
CA ARG A 18 1.38 15.00 -3.77
C ARG A 18 0.24 14.91 -4.77
N GLY A 19 -0.89 15.54 -4.47
CA GLY A 19 -2.01 15.48 -5.38
C GLY A 19 -3.01 14.39 -5.03
N ASP A 20 -2.65 13.13 -5.30
CA ASP A 20 -3.55 12.01 -5.01
C ASP A 20 -2.80 10.68 -4.84
N TYR A 21 -3.57 9.59 -4.84
CA TYR A 21 -3.04 8.23 -4.64
C TYR A 21 -2.51 7.61 -5.94
N GLN A 22 -3.15 7.91 -7.04
CA GLN A 22 -2.78 7.31 -8.32
C GLN A 22 -1.31 7.57 -8.65
N LYS A 23 -0.82 8.76 -8.35
CA LYS A 23 0.58 9.08 -8.63
C LYS A 23 1.52 8.27 -7.76
N THR A 24 1.25 8.26 -6.46
CA THR A 24 2.07 7.50 -5.53
C THR A 24 1.97 6.02 -5.83
N LEU A 25 0.75 5.54 -6.02
CA LEU A 25 0.53 4.15 -6.33
C LEU A 25 1.22 3.82 -7.65
N ALA A 26 0.90 4.60 -8.67
CA ALA A 26 1.46 4.39 -10.00
C ALA A 26 2.99 4.50 -10.01
N ILE A 27 3.55 5.58 -9.49
CA ILE A 27 4.97 5.76 -9.49
C ILE A 27 5.71 4.84 -8.49
N ALA A 28 5.18 4.71 -7.27
CA ALA A 28 5.85 3.89 -6.25
C ALA A 28 6.10 2.49 -6.77
N LEU A 29 5.05 1.89 -7.31
CA LEU A 29 5.13 0.54 -7.85
C LEU A 29 6.07 0.45 -9.02
N LYS A 30 6.11 1.53 -9.80
CA LYS A 30 6.93 1.54 -10.99
C LYS A 30 8.36 1.28 -10.55
N LYS A 31 8.78 2.00 -9.54
CA LYS A 31 10.09 1.81 -8.97
C LYS A 31 10.14 0.56 -8.06
N PHE A 32 8.98 0.22 -7.45
CA PHE A 32 8.94 -0.84 -6.43
C PHE A 32 9.04 -2.33 -6.83
N SER A 33 8.04 -2.86 -7.54
CA SER A 33 8.14 -4.23 -8.06
C SER A 33 8.27 -4.29 -9.57
N LEU A 34 7.34 -3.53 -10.18
CA LEU A 34 7.13 -3.50 -11.62
C LEU A 34 7.27 -2.10 -12.22
N GLU A 35 6.45 -1.83 -13.24
CA GLU A 35 6.42 -0.55 -13.91
C GLU A 35 4.98 -0.29 -14.34
N ASP A 36 4.62 0.97 -14.49
CA ASP A 36 3.25 1.33 -14.87
C ASP A 36 2.28 0.67 -13.89
N ALA A 37 2.20 1.29 -12.75
CA ALA A 37 1.41 0.85 -11.61
C ALA A 37 -0.11 1.03 -11.63
N SER A 38 -0.66 2.02 -12.33
CA SER A 38 -2.08 2.35 -12.17
C SER A 38 -2.99 1.13 -12.14
N LYS A 39 -2.59 0.01 -12.71
CA LYS A 39 -3.40 -1.19 -12.61
C LYS A 39 -3.58 -1.57 -11.17
N PHE A 40 -2.47 -1.54 -10.54
CA PHE A 40 -2.35 -1.90 -9.15
C PHE A 40 -3.44 -1.35 -8.23
N ILE A 41 -3.38 -1.81 -6.97
CA ILE A 41 -4.30 -1.41 -5.92
C ILE A 41 -3.55 -1.24 -4.59
N VAL A 42 -4.19 -0.57 -3.62
CA VAL A 42 -3.58 -0.37 -2.30
C VAL A 42 -4.42 -1.08 -1.24
N CYS A 43 -3.78 -1.78 -0.30
CA CYS A 43 -4.50 -2.48 0.75
C CYS A 43 -3.90 -2.13 2.12
N VAL A 44 -4.73 -2.12 3.16
CA VAL A 44 -4.26 -1.80 4.52
C VAL A 44 -4.25 -3.08 5.37
N SER A 45 -3.39 -3.12 6.38
CA SER A 45 -3.28 -4.30 7.24
C SER A 45 -3.14 -3.92 8.70
N GLN A 46 -4.21 -4.15 9.49
CA GLN A 46 -4.18 -3.84 10.92
C GLN A 46 -3.69 -5.04 11.74
N SER A 47 -4.44 -6.14 11.68
CA SER A 47 -4.06 -7.34 12.43
C SER A 47 -4.75 -8.59 11.85
N SER A 48 -5.81 -9.08 12.50
CA SER A 48 -6.53 -10.24 12.02
C SER A 48 -7.51 -9.85 10.91
N ARG A 49 -7.99 -8.61 10.98
CA ARG A 49 -8.93 -8.09 9.99
C ARG A 49 -8.18 -7.54 8.78
N ILE A 50 -8.42 -8.11 7.62
CA ILE A 50 -7.77 -7.66 6.39
C ILE A 50 -8.56 -6.52 5.76
N LYS A 51 -7.86 -5.46 5.37
CA LYS A 51 -8.52 -4.30 4.77
C LYS A 51 -8.05 -4.11 3.32
N LEU A 52 -8.96 -3.67 2.46
CA LEU A 52 -8.65 -3.43 1.05
C LEU A 52 -8.92 -2.00 0.66
N ILE A 53 -8.22 -1.49 -0.35
CA ILE A 53 -8.42 -0.10 -0.77
C ILE A 53 -8.26 0.11 -2.27
N THR A 54 -9.17 0.92 -2.80
CA THR A 54 -9.22 1.25 -4.22
C THR A 54 -8.24 2.37 -4.59
N GLU A 55 -8.57 3.64 -4.27
CA GLU A 55 -7.67 4.71 -4.68
C GLU A 55 -7.61 5.95 -3.76
N GLU A 56 -8.71 6.69 -3.60
CA GLU A 56 -8.77 7.83 -2.68
C GLU A 56 -8.92 7.38 -1.23
N GLU A 57 -9.50 6.19 -1.12
CA GLU A 57 -9.81 5.56 0.16
C GLU A 57 -8.55 5.14 0.93
N PHE A 58 -7.48 4.85 0.21
CA PHE A 58 -6.27 4.35 0.87
C PHE A 58 -5.83 5.27 2.00
N LYS A 59 -5.72 6.55 1.77
CA LYS A 59 -5.29 7.41 2.87
C LYS A 59 -6.35 7.51 3.98
N GLN A 60 -7.58 7.86 3.65
CA GLN A 60 -8.61 8.00 4.67
C GLN A 60 -9.10 6.65 5.21
N ILE A 61 -9.35 5.71 4.30
CA ILE A 61 -9.83 4.41 4.71
C ILE A 61 -8.75 3.55 5.35
N CYS A 62 -7.55 3.43 4.75
CA CYS A 62 -6.51 2.60 5.34
C CYS A 62 -5.95 3.22 6.60
N PHE A 63 -5.56 4.48 6.50
CA PHE A 63 -4.97 5.19 7.61
C PHE A 63 -6.01 5.47 8.70
N ASN A 64 -7.26 5.67 8.26
CA ASN A 64 -8.38 5.95 9.18
C ASN A 64 -8.34 7.40 9.66
N SER A 65 -7.15 7.86 10.06
CA SER A 65 -7.00 9.24 10.54
C SER A 65 -5.57 9.51 10.99
N SER A 66 -5.26 9.17 12.24
CA SER A 66 -3.92 9.39 12.78
C SER A 66 -3.03 8.19 12.57
N SER A 67 -1.80 8.45 12.11
CA SER A 67 -0.84 7.39 11.86
C SER A 67 0.08 7.20 13.06
N PRO A 68 0.02 6.03 13.73
CA PRO A 68 0.86 5.73 14.88
C PRO A 68 2.26 5.30 14.46
N GLU A 69 2.63 4.05 14.76
CA GLU A 69 3.97 3.53 14.43
C GLU A 69 4.46 4.08 13.09
N ARG A 70 4.18 3.37 11.99
CA ARG A 70 4.61 3.82 10.66
C ARG A 70 4.13 2.87 9.57
N ASP A 71 4.09 3.37 8.32
CA ASP A 71 3.66 2.60 7.17
C ASP A 71 2.13 2.55 7.11
N ARG A 72 1.59 1.46 6.55
CA ARG A 72 0.14 1.20 6.45
C ARG A 72 -0.41 1.05 5.03
N LEU A 73 0.24 1.59 4.00
CA LEU A 73 -0.31 1.41 2.65
C LEU A 73 0.39 0.26 1.93
N ILE A 74 -0.42 -0.68 1.41
CA ILE A 74 0.10 -1.87 0.74
C ILE A 74 -0.20 -1.88 -0.76
N ILE A 75 0.72 -2.43 -1.56
CA ILE A 75 0.56 -2.47 -3.02
C ILE A 75 0.53 -3.87 -3.62
N VAL A 76 -0.43 -4.00 -4.54
CA VAL A 76 -0.65 -5.24 -5.27
C VAL A 76 -0.88 -5.00 -6.77
N PRO A 77 -0.35 -5.89 -7.63
CA PRO A 77 -0.51 -5.80 -9.09
C PRO A 77 -1.86 -6.37 -9.55
N LYS A 78 -2.82 -5.48 -9.76
CA LYS A 78 -4.20 -5.77 -10.21
C LYS A 78 -4.34 -7.11 -10.91
N GLU A 79 -3.37 -7.45 -11.73
CA GLU A 79 -3.36 -8.70 -12.50
C GLU A 79 -3.61 -9.97 -11.65
N LYS A 80 -4.22 -9.81 -10.46
CA LYS A 80 -4.52 -10.92 -9.55
C LYS A 80 -3.81 -10.73 -8.22
N PRO A 81 -4.28 -9.76 -7.41
CA PRO A 81 -3.69 -9.45 -6.10
C PRO A 81 -4.13 -10.40 -5.00
N CYS A 82 -4.03 -9.94 -3.77
CA CYS A 82 -4.40 -10.73 -2.61
C CYS A 82 -3.52 -11.97 -2.45
N PRO A 83 -2.22 -11.93 -2.84
CA PRO A 83 -1.32 -13.09 -2.71
C PRO A 83 -0.87 -13.34 -1.27
N SER A 84 -1.73 -12.97 -0.30
CA SER A 84 -1.45 -13.17 1.11
C SER A 84 -0.41 -12.19 1.67
N PHE A 85 0.81 -12.27 1.17
CA PHE A 85 1.87 -11.39 1.67
C PHE A 85 1.69 -9.95 1.21
N GLU A 86 1.05 -9.74 0.05
CA GLU A 86 0.82 -8.38 -0.44
C GLU A 86 -0.26 -7.67 0.38
N ASP A 87 -0.52 -8.16 1.58
CA ASP A 87 -1.54 -7.56 2.43
C ASP A 87 -1.10 -7.60 3.89
N LEU A 88 -0.58 -8.73 4.36
CA LEU A 88 -0.12 -8.85 5.75
C LEU A 88 1.12 -9.74 5.85
N ARG A 89 2.22 -9.30 5.24
CA ARG A 89 3.47 -10.06 5.28
C ARG A 89 4.14 -9.97 6.65
N ARG A 90 5.29 -10.63 6.79
CA ARG A 90 6.05 -10.64 8.03
C ARG A 90 5.15 -10.93 9.23
N SER A 91 4.25 -11.89 9.07
CA SER A 91 3.34 -12.28 10.13
C SER A 91 2.39 -11.18 10.50
N TRP A 92 1.50 -10.85 9.57
CA TRP A 92 0.50 -9.81 9.76
C TRP A 92 0.93 -8.85 10.87
N GLU A 93 0.26 -8.90 12.03
CA GLU A 93 0.60 -8.03 13.15
C GLU A 93 0.31 -6.58 12.78
N ILE A 94 0.80 -6.17 11.61
CA ILE A 94 0.58 -4.82 11.13
C ILE A 94 1.03 -4.69 9.65
N GLU A 95 2.05 -3.89 9.38
CA GLU A 95 2.52 -3.72 8.00
C GLU A 95 4.04 -3.84 7.93
N CYS A 1 2.53 13.77 1.90
CA CYS A 1 2.28 12.78 2.98
C CYS A 1 3.20 11.58 2.84
N ILE A 2 4.09 11.40 3.81
CA ILE A 2 5.03 10.29 3.77
C ILE A 2 4.35 9.00 4.25
N LEU A 3 4.35 7.99 3.38
CA LEU A 3 3.75 6.70 3.69
C LEU A 3 4.67 5.53 3.33
N ARG A 4 4.39 4.35 3.89
CA ARG A 4 5.18 3.16 3.60
C ARG A 4 4.38 2.23 2.71
N PHE A 5 5.05 1.54 1.79
CA PHE A 5 4.33 0.61 0.91
C PHE A 5 5.10 -0.70 0.71
N ILE A 6 4.34 -1.79 0.81
CA ILE A 6 4.86 -3.12 0.64
C ILE A 6 4.11 -3.80 -0.49
N ALA A 7 4.79 -4.39 -1.45
CA ALA A 7 4.09 -5.00 -2.55
C ALA A 7 4.67 -6.32 -3.03
N CYS A 8 3.79 -7.12 -3.67
CA CYS A 8 4.18 -8.38 -4.29
C CYS A 8 4.22 -9.61 -3.33
N ASN A 9 5.41 -10.15 -3.14
CA ASN A 9 5.63 -11.21 -2.16
C ASN A 9 5.94 -10.63 -0.80
N GLY A 10 6.81 -9.63 -0.81
CA GLY A 10 7.22 -8.96 0.42
C GLY A 10 8.16 -7.81 0.14
N GLN A 11 8.06 -7.24 -1.05
CA GLN A 11 8.89 -6.12 -1.45
C GLN A 11 8.56 -4.91 -0.58
N THR A 12 9.52 -4.40 0.18
CA THR A 12 9.22 -3.27 1.07
C THR A 12 10.00 -2.02 0.75
N ARG A 13 9.23 -0.94 0.61
CA ARG A 13 9.78 0.39 0.36
C ARG A 13 8.89 1.47 0.99
N ALA A 14 9.44 2.66 1.29
CA ALA A 14 8.60 3.74 1.84
C ALA A 14 8.69 5.03 1.02
N VAL A 15 7.56 5.47 0.46
CA VAL A 15 7.54 6.66 -0.40
C VAL A 15 6.55 7.73 0.04
N GLN A 16 6.95 8.99 -0.17
CA GLN A 16 6.12 10.13 0.17
C GLN A 16 5.39 10.69 -1.06
N SER A 17 4.09 10.91 -0.91
CA SER A 17 3.29 11.46 -2.00
C SER A 17 2.06 12.19 -1.45
N ARG A 18 1.35 12.89 -2.31
CA ARG A 18 0.15 13.64 -1.87
C ARG A 18 -1.10 13.19 -2.62
N GLY A 19 -1.31 13.73 -3.82
CA GLY A 19 -2.47 13.39 -4.65
C GLY A 19 -3.62 12.81 -3.85
N ASP A 20 -3.77 11.49 -3.92
CA ASP A 20 -4.83 10.79 -3.21
C ASP A 20 -4.42 9.35 -2.94
N TYR A 21 -3.87 8.70 -3.96
CA TYR A 21 -3.41 7.32 -3.85
C TYR A 21 -2.80 6.84 -5.15
N GLN A 22 -3.39 7.27 -6.26
CA GLN A 22 -2.94 6.86 -7.59
C GLN A 22 -1.49 7.26 -7.86
N LYS A 23 -1.09 8.46 -7.44
CA LYS A 23 0.28 8.90 -7.67
C LYS A 23 1.25 8.07 -6.84
N THR A 24 0.95 7.92 -5.56
CA THR A 24 1.78 7.14 -4.67
C THR A 24 1.79 5.69 -5.11
N LEU A 25 0.61 5.21 -5.48
CA LEU A 25 0.44 3.85 -5.93
C LEU A 25 1.09 3.60 -7.29
N ALA A 26 0.77 4.42 -8.27
CA ALA A 26 1.32 4.20 -9.61
C ALA A 26 2.85 4.30 -9.64
N ILE A 27 3.40 5.42 -9.18
CA ILE A 27 4.83 5.58 -9.19
C ILE A 27 5.49 4.55 -8.30
N ALA A 28 4.81 4.18 -7.22
CA ALA A 28 5.36 3.20 -6.29
C ALA A 28 5.76 1.96 -7.04
N LEU A 29 4.85 1.43 -7.82
CA LEU A 29 5.12 0.23 -8.56
C LEU A 29 6.18 0.40 -9.61
N LYS A 30 6.27 1.57 -10.24
CA LYS A 30 7.24 1.70 -11.30
C LYS A 30 8.61 1.40 -10.74
N LYS A 31 8.94 1.99 -9.62
CA LYS A 31 10.19 1.67 -8.99
C LYS A 31 10.13 0.33 -8.26
N PHE A 32 8.96 0.03 -7.65
CA PHE A 32 8.83 -1.16 -6.78
C PHE A 32 8.73 -2.58 -7.38
N SER A 33 7.65 -2.93 -8.11
CA SER A 33 7.59 -4.25 -8.77
C SER A 33 7.70 -4.21 -10.29
N LEU A 34 6.85 -3.32 -10.85
CA LEU A 34 6.66 -3.15 -12.28
C LEU A 34 6.86 -1.70 -12.72
N GLU A 35 5.95 -1.21 -13.59
CA GLU A 35 6.00 0.16 -14.06
C GLU A 35 4.59 0.66 -14.37
N ASP A 36 4.37 1.94 -14.08
CA ASP A 36 3.07 2.58 -14.33
C ASP A 36 1.94 1.87 -13.59
N ALA A 37 2.00 1.78 -12.27
CA ALA A 37 1.03 1.09 -11.41
C ALA A 37 -0.43 1.50 -11.38
N SER A 38 -0.83 2.70 -11.78
CA SER A 38 -2.20 3.13 -11.47
C SER A 38 -3.23 2.01 -11.69
N LYS A 39 -2.93 1.03 -12.51
CA LYS A 39 -3.83 -0.11 -12.62
C LYS A 39 -3.95 -0.78 -11.28
N PHE A 40 -2.81 -0.96 -10.73
CA PHE A 40 -2.62 -1.60 -9.44
C PHE A 40 -3.61 -1.10 -8.37
N ILE A 41 -3.71 -1.87 -7.28
CA ILE A 41 -4.55 -1.55 -6.14
C ILE A 41 -3.71 -1.67 -4.88
N VAL A 42 -4.11 -1.02 -3.77
CA VAL A 42 -3.30 -1.10 -2.56
C VAL A 42 -4.12 -1.60 -1.36
N CYS A 43 -3.43 -2.14 -0.35
CA CYS A 43 -4.10 -2.65 0.87
C CYS A 43 -3.32 -2.28 2.14
N VAL A 44 -4.05 -1.96 3.22
CA VAL A 44 -3.44 -1.60 4.51
C VAL A 44 -4.41 -1.97 5.65
N SER A 45 -3.97 -1.91 6.90
CA SER A 45 -4.83 -2.24 8.04
C SER A 45 -4.37 -1.54 9.33
N GLN A 46 -4.93 -1.99 10.45
CA GLN A 46 -4.59 -1.44 11.76
C GLN A 46 -4.08 -2.54 12.69
N SER A 47 -4.77 -3.68 12.65
CA SER A 47 -4.38 -4.82 13.48
C SER A 47 -4.68 -6.13 12.74
N SER A 48 -5.70 -6.87 13.19
CA SER A 48 -6.06 -8.13 12.56
C SER A 48 -6.94 -7.89 11.32
N ARG A 49 -7.92 -7.01 11.46
CA ARG A 49 -8.83 -6.70 10.36
C ARG A 49 -8.12 -5.88 9.29
N ILE A 50 -8.17 -6.37 8.05
CA ILE A 50 -7.53 -5.68 6.94
C ILE A 50 -8.54 -4.88 6.13
N LYS A 51 -8.17 -3.66 5.77
CA LYS A 51 -9.04 -2.79 5.01
C LYS A 51 -8.55 -2.64 3.57
N LEU A 52 -9.49 -2.44 2.67
CA LEU A 52 -9.18 -2.30 1.24
C LEU A 52 -8.86 -0.84 0.88
N ILE A 53 -7.78 -0.68 0.10
CA ILE A 53 -7.35 0.65 -0.33
C ILE A 53 -7.66 0.85 -1.82
N THR A 54 -8.57 1.78 -2.06
CA THR A 54 -9.04 2.13 -3.41
C THR A 54 -8.44 3.44 -3.93
N GLU A 55 -9.11 4.59 -3.70
CA GLU A 55 -8.59 5.86 -4.22
C GLU A 55 -8.48 6.99 -3.19
N GLU A 56 -9.57 7.69 -2.78
CA GLU A 56 -9.33 8.72 -1.77
C GLU A 56 -9.06 8.04 -0.45
N GLU A 57 -10.01 7.23 0.04
CA GLU A 57 -9.97 6.54 1.32
C GLU A 57 -8.76 5.70 1.56
N PHE A 58 -8.05 5.32 0.53
CA PHE A 58 -6.96 4.41 0.74
C PHE A 58 -6.17 4.88 1.97
N LYS A 59 -5.78 6.14 2.03
CA LYS A 59 -5.08 6.63 3.19
C LYS A 59 -5.98 6.74 4.44
N GLN A 60 -7.11 7.43 4.30
CA GLN A 60 -8.02 7.64 5.44
C GLN A 60 -8.76 6.38 5.86
N ILE A 61 -9.30 5.65 4.90
CA ILE A 61 -10.06 4.45 5.22
C ILE A 61 -9.18 3.36 5.80
N CYS A 62 -8.04 3.04 5.20
CA CYS A 62 -7.20 2.00 5.75
C CYS A 62 -6.51 2.46 7.03
N PHE A 63 -5.88 3.62 6.97
CA PHE A 63 -5.14 4.16 8.10
C PHE A 63 -6.05 4.69 9.20
N ASN A 64 -7.04 5.50 8.80
CA ASN A 64 -8.00 6.13 9.71
C ASN A 64 -8.37 7.51 9.19
N SER A 65 -7.37 8.36 9.04
CA SER A 65 -7.56 9.71 8.54
C SER A 65 -6.23 10.44 8.42
N SER A 66 -5.55 10.60 9.55
CA SER A 66 -4.25 11.28 9.58
C SER A 66 -3.54 11.09 10.93
N SER A 67 -4.19 10.40 11.87
CA SER A 67 -3.60 10.18 13.18
C SER A 67 -2.49 9.14 13.12
N PRO A 68 -2.76 7.94 12.57
CA PRO A 68 -1.76 6.89 12.46
C PRO A 68 -0.67 7.26 11.45
N GLU A 69 -1.03 8.10 10.48
CA GLU A 69 -0.12 8.58 9.42
C GLU A 69 1.22 7.84 9.42
N ARG A 70 1.18 6.56 9.09
CA ARG A 70 2.38 5.74 9.03
C ARG A 70 2.02 4.27 8.91
N ASP A 71 2.29 3.69 7.76
CA ASP A 71 1.99 2.29 7.55
C ASP A 71 2.59 1.78 6.26
N ARG A 72 2.55 0.47 6.11
CA ARG A 72 3.04 -0.20 4.93
C ARG A 72 1.85 -0.58 4.08
N LEU A 73 1.65 0.19 3.05
CA LEU A 73 0.57 -0.05 2.13
C LEU A 73 0.98 -1.10 1.14
N ILE A 74 0.18 -2.13 1.03
CA ILE A 74 0.52 -3.22 0.16
C ILE A 74 0.10 -2.97 -1.28
N ILE A 75 1.09 -3.01 -2.20
CA ILE A 75 0.80 -2.82 -3.60
C ILE A 75 0.55 -4.13 -4.34
N VAL A 76 -0.48 -4.10 -5.18
CA VAL A 76 -0.81 -5.27 -5.98
C VAL A 76 -1.22 -4.89 -7.40
N PRO A 77 -0.67 -5.60 -8.42
CA PRO A 77 -0.97 -5.33 -9.83
C PRO A 77 -2.40 -5.72 -10.21
N LYS A 78 -3.09 -4.80 -10.86
CA LYS A 78 -4.47 -5.00 -11.30
C LYS A 78 -4.61 -6.33 -12.04
N GLU A 79 -3.81 -6.50 -13.08
CA GLU A 79 -3.84 -7.71 -13.90
C GLU A 79 -3.89 -8.98 -13.04
N LYS A 80 -3.28 -8.93 -11.86
CA LYS A 80 -3.27 -10.09 -10.95
C LYS A 80 -2.45 -9.79 -9.69
N PRO A 81 -3.11 -9.52 -8.55
CA PRO A 81 -2.44 -9.23 -7.28
C PRO A 81 -1.77 -10.46 -6.66
N CYS A 82 -1.57 -10.42 -5.35
CA CYS A 82 -0.94 -11.52 -4.63
C CYS A 82 -0.98 -11.27 -3.12
N PRO A 83 -2.18 -11.08 -2.54
CA PRO A 83 -2.34 -10.83 -1.09
C PRO A 83 -1.95 -12.03 -0.25
N SER A 84 -0.80 -11.93 0.44
CA SER A 84 -0.31 -13.01 1.29
C SER A 84 1.08 -12.71 1.87
N PHE A 85 2.14 -13.10 1.16
CA PHE A 85 3.48 -12.85 1.65
C PHE A 85 3.67 -11.35 1.86
N GLU A 86 3.12 -10.57 0.93
CA GLU A 86 3.21 -9.13 0.99
C GLU A 86 2.72 -8.57 2.32
N ASP A 87 1.64 -9.15 2.84
CA ASP A 87 1.10 -8.68 4.11
C ASP A 87 1.88 -9.23 5.30
N LEU A 88 2.70 -10.26 5.07
CA LEU A 88 3.48 -10.84 6.17
C LEU A 88 4.99 -10.61 6.06
N ARG A 89 5.60 -10.99 4.92
CA ARG A 89 7.06 -10.86 4.71
C ARG A 89 7.69 -9.74 5.54
N ARG A 90 8.13 -10.09 6.75
CA ARG A 90 8.80 -9.15 7.66
C ARG A 90 7.90 -7.96 8.01
N SER A 91 7.51 -7.20 7.00
CA SER A 91 6.67 -6.02 7.21
C SER A 91 5.23 -6.40 7.56
N TRP A 92 5.04 -7.60 8.15
CA TRP A 92 3.72 -8.07 8.56
C TRP A 92 2.84 -6.92 9.05
N GLU A 93 1.55 -7.01 8.80
CA GLU A 93 0.60 -5.98 9.21
C GLU A 93 0.83 -5.56 10.66
N ILE A 94 1.52 -4.43 10.85
CA ILE A 94 1.81 -3.92 12.19
C ILE A 94 2.32 -2.49 12.13
N GLU A 95 3.09 -2.17 11.10
CA GLU A 95 3.64 -0.83 10.93
C GLU A 95 2.52 0.20 10.74
N CYS A 1 1.41 15.50 0.14
CA CYS A 1 2.29 15.04 1.26
C CYS A 1 2.83 13.64 0.99
N ILE A 2 4.03 13.39 1.48
CA ILE A 2 4.69 12.09 1.29
C ILE A 2 4.09 11.01 2.18
N LEU A 3 3.77 9.88 1.55
CA LEU A 3 3.20 8.74 2.27
C LEU A 3 4.04 7.48 2.05
N ARG A 4 3.84 6.50 2.93
CA ARG A 4 4.57 5.24 2.88
C ARG A 4 3.71 4.13 2.31
N PHE A 5 4.24 3.47 1.30
CA PHE A 5 3.52 2.37 0.70
C PHE A 5 4.32 1.10 0.84
N ILE A 6 3.63 0.07 1.29
CA ILE A 6 4.24 -1.24 1.44
C ILE A 6 3.60 -2.18 0.47
N ALA A 7 4.39 -2.87 -0.29
CA ALA A 7 3.82 -3.76 -1.31
C ALA A 7 4.48 -5.11 -1.40
N CYS A 8 3.67 -6.09 -1.80
CA CYS A 8 4.14 -7.45 -1.94
C CYS A 8 4.22 -8.10 -0.54
N ASN A 9 4.86 -9.25 -0.47
CA ASN A 9 4.99 -9.99 0.80
C ASN A 9 5.67 -9.14 1.88
N GLY A 10 6.76 -8.47 1.51
CA GLY A 10 7.46 -7.62 2.47
C GLY A 10 8.37 -6.58 1.81
N GLN A 11 7.77 -5.46 1.41
CA GLN A 11 8.53 -4.38 0.78
C GLN A 11 7.99 -3.01 1.21
N THR A 12 8.86 -2.14 1.73
CA THR A 12 8.39 -0.83 2.20
C THR A 12 9.10 0.33 1.50
N ARG A 13 8.30 1.25 0.99
CA ARG A 13 8.80 2.44 0.32
C ARG A 13 7.86 3.64 0.53
N ALA A 14 8.37 4.89 0.63
CA ALA A 14 7.45 6.03 0.80
C ALA A 14 7.65 7.16 -0.23
N VAL A 15 6.63 7.43 -1.05
CA VAL A 15 6.72 8.44 -2.11
C VAL A 15 5.71 9.57 -1.96
N GLN A 16 6.13 10.78 -2.34
CA GLN A 16 5.27 11.97 -2.28
C GLN A 16 3.84 11.66 -2.76
N SER A 17 2.88 11.69 -1.84
CA SER A 17 1.48 11.42 -2.18
C SER A 17 0.65 12.71 -2.18
N ARG A 18 -0.67 12.57 -2.05
CA ARG A 18 -1.60 13.69 -2.07
C ARG A 18 -1.99 13.97 -3.52
N GLY A 19 -2.87 14.93 -3.75
CA GLY A 19 -3.26 15.27 -5.11
C GLY A 19 -3.84 14.11 -5.92
N ASP A 20 -3.21 12.94 -5.85
CA ASP A 20 -3.66 11.78 -6.62
C ASP A 20 -3.05 10.48 -6.10
N TYR A 21 -3.87 9.42 -6.07
CA TYR A 21 -3.43 8.11 -5.61
C TYR A 21 -2.69 7.39 -6.73
N GLN A 22 -3.25 7.50 -7.91
CA GLN A 22 -2.73 6.80 -9.09
C GLN A 22 -1.24 7.10 -9.34
N LYS A 23 -0.83 8.37 -9.26
CA LYS A 23 0.57 8.71 -9.49
C LYS A 23 1.48 8.10 -8.43
N THR A 24 1.12 8.27 -7.16
CA THR A 24 1.93 7.72 -6.08
C THR A 24 1.96 6.19 -6.17
N LEU A 25 0.81 5.61 -6.46
CA LEU A 25 0.69 4.17 -6.60
C LEU A 25 1.41 3.70 -7.87
N ALA A 26 1.08 4.32 -8.99
CA ALA A 26 1.65 3.94 -10.29
C ALA A 26 3.19 4.03 -10.29
N ILE A 27 3.70 5.16 -9.83
CA ILE A 27 5.11 5.36 -9.76
C ILE A 27 5.71 4.50 -8.66
N ALA A 28 4.95 4.28 -7.58
CA ALA A 28 5.46 3.47 -6.47
C ALA A 28 5.92 2.12 -6.96
N LEU A 29 5.03 1.42 -7.65
CA LEU A 29 5.36 0.09 -8.15
C LEU A 29 6.45 0.13 -9.18
N LYS A 30 6.53 1.20 -9.95
CA LYS A 30 7.53 1.24 -11.00
C LYS A 30 8.89 1.06 -10.36
N LYS A 31 9.14 1.82 -9.34
CA LYS A 31 10.35 1.70 -8.60
C LYS A 31 10.31 0.53 -7.62
N PHE A 32 9.15 0.30 -7.03
CA PHE A 32 9.01 -0.68 -5.94
C PHE A 32 9.01 -2.19 -6.19
N SER A 33 8.05 -2.77 -6.94
CA SER A 33 8.15 -4.20 -7.30
C SER A 33 8.34 -4.40 -8.81
N LEU A 34 7.44 -3.70 -9.55
CA LEU A 34 7.30 -3.80 -10.99
C LEU A 34 7.52 -2.45 -11.70
N GLU A 35 6.71 -2.18 -12.73
CA GLU A 35 6.77 -0.96 -13.49
C GLU A 35 5.36 -0.54 -13.87
N ASP A 36 5.12 0.76 -13.89
CA ASP A 36 3.78 1.29 -14.23
C ASP A 36 2.72 0.64 -13.34
N ALA A 37 2.64 1.11 -12.10
CA ALA A 37 1.71 0.56 -11.12
C ALA A 37 0.24 0.77 -11.42
N SER A 38 -0.13 1.87 -12.09
CA SER A 38 -1.54 2.26 -12.12
C SER A 38 -2.47 1.08 -12.23
N LYS A 39 -2.03 -0.05 -12.74
CA LYS A 39 -2.86 -1.22 -12.65
C LYS A 39 -3.26 -1.43 -11.20
N PHE A 40 -2.22 -1.70 -10.45
CA PHE A 40 -2.26 -1.93 -9.00
C PHE A 40 -3.35 -1.18 -8.22
N ILE A 41 -3.50 -1.62 -6.97
CA ILE A 41 -4.44 -1.05 -5.99
C ILE A 41 -3.74 -0.94 -4.63
N VAL A 42 -4.32 -0.17 -3.70
CA VAL A 42 -3.70 -0.01 -2.38
C VAL A 42 -4.61 -0.54 -1.26
N CYS A 43 -3.99 -1.07 -0.20
CA CYS A 43 -4.75 -1.64 0.92
C CYS A 43 -4.08 -1.33 2.28
N VAL A 44 -4.87 -1.33 3.37
CA VAL A 44 -4.35 -1.03 4.71
C VAL A 44 -4.14 -2.32 5.53
N SER A 45 -3.10 -2.28 6.37
CA SER A 45 -2.72 -3.42 7.23
C SER A 45 -3.70 -3.66 8.39
N GLN A 46 -3.61 -2.87 9.47
CA GLN A 46 -4.48 -3.04 10.64
C GLN A 46 -4.05 -4.27 11.44
N SER A 47 -4.13 -5.44 10.82
CA SER A 47 -3.76 -6.71 11.44
C SER A 47 -4.63 -7.82 10.87
N SER A 48 -5.70 -8.16 11.59
CA SER A 48 -6.64 -9.17 11.13
C SER A 48 -7.64 -8.55 10.16
N ARG A 49 -7.79 -7.23 10.22
CA ARG A 49 -8.73 -6.51 9.37
C ARG A 49 -8.01 -5.78 8.24
N ILE A 50 -8.01 -6.38 7.05
CA ILE A 50 -7.39 -5.78 5.89
C ILE A 50 -8.45 -5.03 5.09
N LYS A 51 -8.16 -3.78 4.72
CA LYS A 51 -9.14 -3.02 3.94
C LYS A 51 -8.72 -2.88 2.50
N LEU A 52 -9.72 -2.84 1.62
CA LEU A 52 -9.47 -2.69 0.20
C LEU A 52 -9.54 -1.24 -0.18
N ILE A 53 -8.40 -0.70 -0.56
CA ILE A 53 -8.31 0.70 -0.91
C ILE A 53 -8.33 0.91 -2.42
N THR A 54 -9.44 1.49 -2.89
CA THR A 54 -9.66 1.75 -4.31
C THR A 54 -8.77 2.88 -4.85
N GLU A 55 -9.32 4.08 -5.00
CA GLU A 55 -8.54 5.18 -5.55
C GLU A 55 -8.70 6.51 -4.81
N GLU A 56 -9.91 7.01 -4.48
CA GLU A 56 -9.94 8.27 -3.76
C GLU A 56 -9.45 8.03 -2.35
N GLU A 57 -10.13 7.16 -1.62
CA GLU A 57 -9.89 6.83 -0.20
C GLU A 57 -8.49 6.40 0.16
N PHE A 58 -7.70 6.00 -0.80
CA PHE A 58 -6.42 5.39 -0.47
C PHE A 58 -5.64 6.12 0.61
N LYS A 59 -5.71 7.42 0.69
CA LYS A 59 -5.00 8.10 1.76
C LYS A 59 -5.63 7.79 3.13
N GLN A 60 -6.95 8.03 3.22
CA GLN A 60 -7.68 7.80 4.46
C GLN A 60 -7.83 6.33 4.79
N ILE A 61 -8.16 5.54 3.78
CA ILE A 61 -8.37 4.13 4.03
C ILE A 61 -7.11 3.43 4.50
N CYS A 62 -5.93 3.66 3.90
CA CYS A 62 -4.74 2.97 4.35
C CYS A 62 -4.37 3.35 5.77
N PHE A 63 -4.40 4.64 6.08
CA PHE A 63 -4.04 5.08 7.43
C PHE A 63 -5.19 4.97 8.42
N ASN A 64 -6.40 4.72 7.92
CA ASN A 64 -7.59 4.59 8.78
C ASN A 64 -7.25 3.94 10.12
N SER A 65 -6.26 3.04 10.14
CA SER A 65 -5.85 2.35 11.36
C SER A 65 -5.19 3.34 12.33
N SER A 66 -4.05 2.96 12.93
CA SER A 66 -3.35 3.82 13.88
C SER A 66 -1.97 4.22 13.34
N SER A 67 -1.32 3.28 12.66
CA SER A 67 0.01 3.51 12.07
C SER A 67 1.10 3.62 13.13
N PRO A 68 1.42 2.52 13.82
CA PRO A 68 2.49 2.53 14.81
C PRO A 68 3.87 2.34 14.16
N GLU A 69 4.24 1.08 13.94
CA GLU A 69 5.53 0.77 13.32
C GLU A 69 5.82 1.67 12.11
N ARG A 70 5.39 1.25 10.91
CA ARG A 70 5.61 2.04 9.70
C ARG A 70 4.97 1.38 8.46
N ASP A 71 3.76 1.80 8.09
CA ASP A 71 3.10 1.22 6.91
C ASP A 71 1.93 2.05 6.39
N ARG A 72 2.23 3.27 5.97
CA ARG A 72 1.21 4.19 5.48
C ARG A 72 0.28 3.61 4.42
N LEU A 73 0.65 2.52 3.78
CA LEU A 73 -0.23 1.89 2.81
C LEU A 73 0.37 0.63 2.25
N ILE A 74 -0.42 -0.10 1.48
CA ILE A 74 0.06 -1.33 0.90
C ILE A 74 -0.22 -1.41 -0.59
N ILE A 75 0.80 -1.76 -1.37
CA ILE A 75 0.64 -1.90 -2.81
C ILE A 75 0.39 -3.35 -3.22
N VAL A 76 -0.59 -3.49 -4.12
CA VAL A 76 -0.96 -4.80 -4.65
C VAL A 76 -1.20 -4.76 -6.16
N PRO A 77 -0.75 -5.80 -6.90
CA PRO A 77 -0.89 -5.87 -8.37
C PRO A 77 -2.34 -6.12 -8.80
N LYS A 78 -2.85 -5.24 -9.66
CA LYS A 78 -4.22 -5.34 -10.19
C LYS A 78 -4.47 -6.65 -10.90
N GLU A 79 -3.39 -7.20 -11.42
CA GLU A 79 -3.47 -8.48 -12.13
C GLU A 79 -4.10 -9.54 -11.21
N LYS A 80 -3.61 -9.58 -9.98
CA LYS A 80 -4.07 -10.50 -8.97
C LYS A 80 -3.66 -9.97 -7.60
N PRO A 81 -4.31 -8.89 -7.12
CA PRO A 81 -3.97 -8.25 -5.85
C PRO A 81 -4.64 -8.88 -4.62
N CYS A 82 -4.69 -8.09 -3.56
CA CYS A 82 -5.27 -8.49 -2.29
C CYS A 82 -4.73 -9.84 -1.79
N PRO A 83 -3.40 -10.10 -1.93
CA PRO A 83 -2.80 -11.34 -1.48
C PRO A 83 -2.54 -11.33 0.03
N SER A 84 -2.58 -12.50 0.64
CA SER A 84 -2.35 -12.63 2.07
C SER A 84 -0.92 -12.23 2.42
N PHE A 85 -0.01 -12.43 1.48
CA PHE A 85 1.40 -12.11 1.67
C PHE A 85 1.62 -10.64 2.06
N GLU A 86 0.75 -9.77 1.58
CA GLU A 86 0.88 -8.34 1.86
C GLU A 86 0.85 -8.04 3.37
N ASP A 87 -0.31 -8.25 3.97
CA ASP A 87 -0.50 -7.97 5.40
C ASP A 87 0.16 -9.02 6.29
N LEU A 88 -0.06 -10.29 5.98
CA LEU A 88 0.51 -11.38 6.77
C LEU A 88 2.03 -11.34 6.75
N ARG A 89 2.63 -11.52 5.58
CA ARG A 89 4.10 -11.50 5.47
C ARG A 89 4.72 -12.49 6.45
N ARG A 90 4.22 -13.73 6.44
CA ARG A 90 4.72 -14.77 7.34
C ARG A 90 4.34 -14.45 8.79
N SER A 91 4.86 -13.34 9.29
CA SER A 91 4.59 -12.88 10.64
C SER A 91 5.00 -11.44 10.79
N TRP A 92 4.83 -10.68 9.71
CA TRP A 92 5.17 -9.27 9.68
C TRP A 92 5.87 -8.86 10.96
N GLU A 93 7.16 -9.16 11.05
CA GLU A 93 7.94 -8.85 12.23
C GLU A 93 8.09 -7.33 12.38
N ILE A 94 7.03 -6.61 12.06
CA ILE A 94 7.05 -5.16 12.17
C ILE A 94 5.66 -4.55 11.89
N GLU A 95 5.32 -4.25 10.64
CA GLU A 95 4.02 -3.68 10.32
C GLU A 95 3.16 -4.66 9.53
N CYS A 1 2.05 13.22 2.35
CA CYS A 1 3.23 12.96 3.22
C CYS A 1 3.83 11.58 2.95
N ILE A 2 4.89 11.25 3.67
CA ILE A 2 5.57 9.98 3.51
C ILE A 2 4.76 8.84 4.14
N LEU A 3 4.46 7.83 3.33
CA LEU A 3 3.73 6.65 3.77
C LEU A 3 4.57 5.41 3.53
N ARG A 4 4.23 4.28 4.18
CA ARG A 4 5.04 3.08 4.01
C ARG A 4 4.45 2.23 2.91
N PHE A 5 5.22 1.98 1.86
CA PHE A 5 4.72 1.18 0.77
C PHE A 5 5.37 -0.19 0.75
N ILE A 6 4.53 -1.19 0.57
CA ILE A 6 4.96 -2.58 0.50
C ILE A 6 4.33 -3.20 -0.73
N ALA A 7 5.09 -3.85 -1.58
CA ALA A 7 4.47 -4.40 -2.78
C ALA A 7 4.94 -5.80 -3.13
N CYS A 8 4.03 -6.58 -3.74
CA CYS A 8 4.34 -7.92 -4.23
C CYS A 8 4.49 -9.00 -3.13
N ASN A 9 5.74 -9.35 -2.80
CA ASN A 9 6.00 -10.33 -1.75
C ASN A 9 5.91 -9.69 -0.37
N GLY A 10 6.60 -8.57 -0.25
CA GLY A 10 6.63 -7.83 1.00
C GLY A 10 7.75 -6.81 1.03
N GLN A 11 8.12 -6.30 -0.14
CA GLN A 11 9.19 -5.29 -0.25
C GLN A 11 8.71 -4.00 0.37
N THR A 12 9.58 -3.30 1.09
CA THR A 12 9.15 -2.07 1.74
C THR A 12 10.00 -0.85 1.35
N ARG A 13 9.27 0.20 0.96
CA ARG A 13 9.86 1.48 0.60
C ARG A 13 8.91 2.58 1.05
N ALA A 14 9.44 3.72 1.53
CA ALA A 14 8.53 4.79 1.96
C ALA A 14 8.57 5.99 1.02
N VAL A 15 7.42 6.28 0.44
CA VAL A 15 7.30 7.36 -0.56
C VAL A 15 6.43 8.52 -0.10
N GLN A 16 6.82 9.72 -0.50
CA GLN A 16 6.10 10.93 -0.16
C GLN A 16 4.94 11.18 -1.14
N SER A 17 3.73 10.90 -0.69
CA SER A 17 2.54 11.10 -1.52
C SER A 17 2.06 12.55 -1.41
N ARG A 18 1.64 13.12 -2.54
CA ARG A 18 1.16 14.50 -2.54
C ARG A 18 -0.31 14.60 -2.95
N GLY A 19 -0.85 13.52 -3.52
CA GLY A 19 -2.24 13.55 -3.95
C GLY A 19 -3.10 12.46 -3.33
N ASP A 20 -4.09 12.00 -4.09
CA ASP A 20 -5.01 10.96 -3.64
C ASP A 20 -4.27 9.68 -3.31
N TYR A 21 -3.89 8.93 -4.35
CA TYR A 21 -3.17 7.68 -4.15
C TYR A 21 -2.70 7.05 -5.46
N GLN A 22 -3.26 7.46 -6.59
CA GLN A 22 -2.89 6.89 -7.87
C GLN A 22 -1.44 7.17 -8.22
N LYS A 23 -1.02 8.42 -8.06
CA LYS A 23 0.34 8.80 -8.37
C LYS A 23 1.32 8.05 -7.47
N THR A 24 1.04 8.06 -6.18
CA THR A 24 1.89 7.36 -5.24
C THR A 24 1.85 5.87 -5.51
N LEU A 25 0.66 5.35 -5.83
CA LEU A 25 0.50 3.94 -6.13
C LEU A 25 1.18 3.58 -7.43
N ALA A 26 1.01 4.40 -8.46
CA ALA A 26 1.61 4.08 -9.75
C ALA A 26 3.12 4.13 -9.68
N ILE A 27 3.70 5.24 -9.24
CA ILE A 27 5.14 5.33 -9.19
C ILE A 27 5.73 4.39 -8.15
N ALA A 28 5.01 4.17 -7.06
CA ALA A 28 5.51 3.28 -6.02
C ALA A 28 5.85 1.93 -6.63
N LEU A 29 4.89 1.40 -7.38
CA LEU A 29 5.07 0.11 -8.02
C LEU A 29 6.15 0.11 -9.09
N LYS A 30 6.33 1.19 -9.85
CA LYS A 30 7.32 1.19 -10.92
C LYS A 30 8.69 0.96 -10.33
N LYS A 31 8.95 1.66 -9.27
CA LYS A 31 10.19 1.53 -8.56
C LYS A 31 10.22 0.21 -7.79
N PHE A 32 9.03 -0.24 -7.35
CA PHE A 32 8.95 -1.41 -6.47
C PHE A 32 9.11 -2.84 -7.02
N SER A 33 8.17 -3.34 -7.84
CA SER A 33 8.34 -4.63 -8.52
C SER A 33 8.39 -4.54 -10.04
N LEU A 34 7.35 -3.80 -10.51
CA LEU A 34 6.99 -3.68 -11.91
C LEU A 34 7.06 -2.25 -12.46
N GLU A 35 6.13 -1.90 -13.37
CA GLU A 35 6.11 -0.57 -13.96
C GLU A 35 4.71 -0.17 -14.44
N ASP A 36 4.43 1.13 -14.32
CA ASP A 36 3.15 1.70 -14.75
C ASP A 36 1.97 1.15 -13.97
N ALA A 37 1.93 1.32 -12.65
CA ALA A 37 0.90 0.77 -11.78
C ALA A 37 -0.55 1.15 -11.99
N SER A 38 -0.94 2.23 -12.67
CA SER A 38 -2.35 2.63 -12.61
C SER A 38 -3.27 1.42 -12.65
N LYS A 39 -2.84 0.30 -13.22
CA LYS A 39 -3.64 -0.90 -13.06
C LYS A 39 -3.05 -1.72 -11.95
N PHE A 40 -3.05 -1.07 -10.85
CA PHE A 40 -2.56 -1.61 -9.60
C PHE A 40 -3.42 -1.07 -8.47
N ILE A 41 -3.54 -1.77 -7.35
CA ILE A 41 -4.31 -1.27 -6.22
C ILE A 41 -3.47 -1.36 -4.95
N VAL A 42 -3.87 -0.66 -3.90
CA VAL A 42 -3.09 -0.68 -2.65
C VAL A 42 -3.97 -1.13 -1.50
N CYS A 43 -3.36 -1.60 -0.42
CA CYS A 43 -4.13 -2.03 0.75
C CYS A 43 -3.40 -1.68 2.04
N VAL A 44 -4.17 -1.30 3.06
CA VAL A 44 -3.60 -0.92 4.37
C VAL A 44 -4.25 -1.69 5.51
N SER A 45 -3.59 -1.69 6.66
CA SER A 45 -4.08 -2.37 7.82
C SER A 45 -3.41 -1.85 9.08
N GLN A 46 -3.75 -2.44 10.20
CA GLN A 46 -3.19 -2.08 11.50
C GLN A 46 -3.14 -3.29 12.41
N SER A 47 -4.05 -4.23 12.17
CA SER A 47 -4.13 -5.46 12.94
C SER A 47 -3.77 -6.66 12.05
N SER A 48 -4.49 -7.77 12.21
CA SER A 48 -4.22 -8.97 11.42
C SER A 48 -4.87 -8.90 10.03
N ARG A 49 -6.08 -8.35 9.96
CA ARG A 49 -6.79 -8.26 8.69
C ARG A 49 -6.45 -6.98 7.91
N ILE A 50 -6.40 -7.11 6.58
CA ILE A 50 -6.08 -5.99 5.70
C ILE A 50 -7.26 -5.68 4.76
N LYS A 51 -7.50 -4.38 4.53
CA LYS A 51 -8.59 -3.93 3.67
C LYS A 51 -8.09 -3.47 2.30
N LEU A 52 -8.89 -3.73 1.25
CA LEU A 52 -8.54 -3.33 -0.11
C LEU A 52 -8.64 -1.82 -0.27
N ILE A 53 -7.85 -1.26 -1.19
CA ILE A 53 -7.83 0.19 -1.39
C ILE A 53 -7.88 0.61 -2.87
N THR A 54 -8.76 1.59 -3.13
CA THR A 54 -8.97 2.13 -4.49
C THR A 54 -8.28 3.48 -4.76
N GLU A 55 -8.94 4.63 -4.49
CA GLU A 55 -8.31 5.93 -4.83
C GLU A 55 -8.12 6.92 -3.67
N GLU A 56 -9.14 7.72 -3.23
CA GLU A 56 -8.85 8.61 -2.11
C GLU A 56 -8.71 7.75 -0.88
N GLU A 57 -9.73 6.95 -0.58
CA GLU A 57 -9.88 6.17 0.63
C GLU A 57 -8.69 5.41 1.12
N PHE A 58 -7.71 5.14 0.31
CA PHE A 58 -6.66 4.33 0.83
C PHE A 58 -6.22 4.87 2.20
N LYS A 59 -5.84 6.12 2.27
CA LYS A 59 -5.47 6.71 3.55
C LYS A 59 -6.67 6.95 4.46
N GLN A 60 -7.70 7.60 3.95
CA GLN A 60 -8.86 7.93 4.78
C GLN A 60 -9.71 6.73 5.17
N ILE A 61 -9.98 5.84 4.24
CA ILE A 61 -10.81 4.68 4.55
C ILE A 61 -10.07 3.68 5.43
N CYS A 62 -8.84 3.32 5.04
CA CYS A 62 -8.10 2.36 5.83
C CYS A 62 -7.62 2.96 7.16
N PHE A 63 -6.99 4.12 7.06
CA PHE A 63 -6.46 4.80 8.23
C PHE A 63 -7.55 5.52 9.03
N ASN A 64 -8.42 6.25 8.32
CA ASN A 64 -9.50 7.00 8.93
C ASN A 64 -9.01 8.29 9.59
N SER A 65 -7.89 8.20 10.32
CA SER A 65 -7.32 9.37 10.99
C SER A 65 -6.31 8.94 12.06
N SER A 66 -6.53 7.76 12.63
CA SER A 66 -5.66 7.22 13.68
C SER A 66 -4.19 7.57 13.49
N SER A 67 -3.65 7.27 12.32
CA SER A 67 -2.23 7.52 12.07
C SER A 67 -1.96 8.47 10.89
N PRO A 68 -1.42 9.68 11.18
CA PRO A 68 -1.07 10.64 10.15
C PRO A 68 0.31 10.30 9.56
N GLU A 69 0.96 9.34 10.21
CA GLU A 69 2.29 8.87 9.84
C GLU A 69 2.23 7.55 9.08
N ARG A 70 3.28 7.28 8.30
CA ARG A 70 3.37 6.05 7.51
C ARG A 70 3.10 4.82 8.37
N ASP A 71 2.74 3.71 7.72
CA ASP A 71 2.47 2.48 8.46
C ASP A 71 2.92 1.22 7.71
N ARG A 72 2.04 0.68 6.86
CA ARG A 72 2.37 -0.54 6.11
C ARG A 72 1.34 -0.85 5.02
N LEU A 73 1.42 -0.16 3.89
CA LEU A 73 0.50 -0.40 2.78
C LEU A 73 1.14 -1.33 1.74
N ILE A 74 0.32 -2.03 0.94
CA ILE A 74 0.85 -2.96 -0.06
C ILE A 74 0.37 -2.65 -1.49
N ILE A 75 1.24 -2.86 -2.48
CA ILE A 75 0.91 -2.62 -3.89
C ILE A 75 0.54 -3.91 -4.60
N VAL A 76 -0.53 -3.82 -5.37
CA VAL A 76 -1.03 -4.94 -6.15
C VAL A 76 -1.37 -4.48 -7.58
N PRO A 77 -1.18 -5.35 -8.60
CA PRO A 77 -1.43 -5.01 -10.02
C PRO A 77 -2.92 -5.00 -10.42
N LYS A 78 -3.81 -4.76 -9.46
CA LYS A 78 -5.24 -4.69 -9.72
C LYS A 78 -5.77 -5.95 -10.42
N GLU A 79 -5.42 -6.13 -11.69
CA GLU A 79 -5.87 -7.30 -12.46
C GLU A 79 -5.60 -8.61 -11.72
N LYS A 80 -4.67 -8.56 -10.77
CA LYS A 80 -4.31 -9.70 -9.97
C LYS A 80 -3.66 -9.22 -8.67
N PRO A 81 -4.49 -8.85 -7.67
CA PRO A 81 -3.99 -8.35 -6.40
C PRO A 81 -3.62 -9.48 -5.42
N CYS A 82 -4.30 -9.56 -4.28
CA CYS A 82 -4.02 -10.59 -3.31
C CYS A 82 -2.64 -10.41 -2.68
N PRO A 83 -2.57 -9.77 -1.50
CA PRO A 83 -1.30 -9.53 -0.80
C PRO A 83 -0.58 -10.84 -0.49
N SER A 84 -1.31 -11.77 0.11
CA SER A 84 -0.76 -13.09 0.46
C SER A 84 0.52 -12.99 1.28
N PHE A 85 1.65 -12.84 0.60
CA PHE A 85 2.95 -12.78 1.27
C PHE A 85 3.02 -11.65 2.30
N GLU A 86 2.39 -10.51 2.01
CA GLU A 86 2.41 -9.39 2.94
C GLU A 86 1.63 -9.75 4.20
N ASP A 87 0.38 -10.18 4.01
CA ASP A 87 -0.51 -10.55 5.10
C ASP A 87 0.19 -11.47 6.11
N LEU A 88 0.96 -12.43 5.59
CA LEU A 88 1.66 -13.37 6.46
C LEU A 88 3.07 -12.88 6.79
N ARG A 89 3.94 -12.87 5.77
CA ARG A 89 5.32 -12.43 5.96
C ARG A 89 6.01 -13.20 7.07
N ARG A 90 7.22 -12.77 7.43
CA ARG A 90 7.98 -13.43 8.49
C ARG A 90 7.23 -13.40 9.81
N SER A 91 6.53 -12.29 10.07
CA SER A 91 5.77 -12.15 11.30
C SER A 91 4.75 -11.01 11.18
N TRP A 92 3.61 -11.31 10.56
CA TRP A 92 2.56 -10.31 10.38
C TRP A 92 2.15 -9.68 11.70
N GLU A 93 2.76 -8.54 12.00
CA GLU A 93 2.48 -7.80 13.22
C GLU A 93 2.81 -6.33 13.01
N ILE A 94 3.96 -6.09 12.39
CA ILE A 94 4.42 -4.75 12.09
C ILE A 94 5.35 -4.77 10.90
N GLU A 95 5.07 -3.91 9.95
CA GLU A 95 5.86 -3.83 8.72
C GLU A 95 6.56 -2.47 8.62
N CYS A 1 3.77 14.57 1.57
CA CYS A 1 3.75 13.62 2.72
C CYS A 1 4.13 12.21 2.27
N ILE A 2 5.22 11.68 2.83
CA ILE A 2 5.70 10.35 2.48
C ILE A 2 4.80 9.25 3.02
N LEU A 3 4.36 8.36 2.13
CA LEU A 3 3.51 7.23 2.51
C LEU A 3 4.34 5.97 2.58
N ARG A 4 3.83 4.96 3.32
CA ARG A 4 4.57 3.70 3.51
C ARG A 4 3.84 2.54 2.88
N PHE A 5 4.52 1.85 1.97
CA PHE A 5 3.91 0.70 1.32
C PHE A 5 4.87 -0.46 1.20
N ILE A 6 4.30 -1.66 1.32
CA ILE A 6 5.02 -2.88 1.19
C ILE A 6 4.32 -3.67 0.10
N ALA A 7 5.05 -4.14 -0.86
CA ALA A 7 4.39 -4.84 -1.95
C ALA A 7 5.12 -6.07 -2.47
N CYS A 8 4.36 -6.83 -3.27
CA CYS A 8 4.87 -8.04 -3.92
C CYS A 8 5.15 -9.23 -2.97
N ASN A 9 6.42 -9.60 -2.79
CA ASN A 9 6.76 -10.67 -1.86
C ASN A 9 6.80 -10.15 -0.42
N GLY A 10 7.52 -9.05 -0.23
CA GLY A 10 7.65 -8.48 1.09
C GLY A 10 8.61 -7.30 1.13
N GLN A 11 8.52 -6.44 0.11
CA GLN A 11 9.38 -5.26 0.03
C GLN A 11 8.60 -4.02 0.46
N THR A 12 9.30 -3.03 1.04
CA THR A 12 8.63 -1.81 1.50
C THR A 12 9.32 -0.54 0.97
N ARG A 13 8.51 0.44 0.56
CA ARG A 13 9.05 1.71 0.06
C ARG A 13 8.17 2.88 0.50
N ALA A 14 8.78 4.04 0.80
CA ALA A 14 7.98 5.20 1.21
C ALA A 14 8.24 6.46 0.37
N VAL A 15 7.20 6.95 -0.31
CA VAL A 15 7.33 8.11 -1.19
C VAL A 15 6.50 9.32 -0.76
N GLN A 16 7.08 10.51 -0.96
CA GLN A 16 6.42 11.77 -0.63
C GLN A 16 5.27 12.04 -1.58
N SER A 17 4.05 11.94 -1.08
CA SER A 17 2.87 12.17 -1.91
C SER A 17 1.73 12.79 -1.10
N ARG A 18 0.63 13.06 -1.81
CA ARG A 18 -0.58 13.64 -1.21
C ARG A 18 -1.72 12.64 -1.37
N GLY A 19 -2.84 12.81 -0.67
CA GLY A 19 -3.96 11.87 -0.77
C GLY A 19 -3.94 10.95 -1.97
N ASP A 20 -4.35 11.47 -3.13
CA ASP A 20 -4.40 10.69 -4.38
C ASP A 20 -3.56 9.43 -4.27
N TYR A 21 -4.22 8.28 -4.37
CA TYR A 21 -3.52 7.02 -4.25
C TYR A 21 -3.01 6.49 -5.58
N GLN A 22 -3.58 6.99 -6.66
CA GLN A 22 -3.19 6.51 -7.98
C GLN A 22 -1.75 6.88 -8.33
N LYS A 23 -1.34 8.11 -8.09
CA LYS A 23 0.02 8.52 -8.41
C LYS A 23 1.03 7.83 -7.51
N THR A 24 0.78 7.85 -6.21
CA THR A 24 1.68 7.22 -5.27
C THR A 24 1.75 5.72 -5.53
N LEU A 25 0.61 5.13 -5.85
CA LEU A 25 0.51 3.71 -6.14
C LEU A 25 1.19 3.38 -7.48
N ALA A 26 0.92 4.16 -8.52
CA ALA A 26 1.51 3.87 -9.83
C ALA A 26 3.04 3.95 -9.78
N ILE A 27 3.57 5.09 -9.34
CA ILE A 27 5.00 5.25 -9.28
C ILE A 27 5.59 4.29 -8.26
N ALA A 28 4.81 4.03 -7.21
CA ALA A 28 5.26 3.14 -6.15
C ALA A 28 5.70 1.84 -6.78
N LEU A 29 4.80 1.27 -7.55
CA LEU A 29 5.05 0.03 -8.23
C LEU A 29 6.23 0.10 -9.15
N LYS A 30 6.44 1.22 -9.82
CA LYS A 30 7.48 1.29 -10.81
C LYS A 30 8.81 0.98 -10.19
N LYS A 31 9.10 1.59 -9.07
CA LYS A 31 10.33 1.27 -8.38
C LYS A 31 10.18 -0.04 -7.59
N PHE A 32 8.97 -0.29 -7.07
CA PHE A 32 8.76 -1.41 -6.15
C PHE A 32 8.68 -2.88 -6.64
N SER A 33 7.64 -3.28 -7.39
CA SER A 33 7.60 -4.66 -7.91
C SER A 33 7.81 -4.77 -9.42
N LEU A 34 7.03 -3.93 -10.09
CA LEU A 34 6.93 -3.87 -11.53
C LEU A 34 7.07 -2.43 -12.02
N GLU A 35 6.11 -1.94 -12.81
CA GLU A 35 6.15 -0.58 -13.30
C GLU A 35 4.77 -0.05 -13.66
N ASP A 36 4.59 1.23 -13.40
CA ASP A 36 3.33 1.93 -13.68
C ASP A 36 2.11 1.24 -13.07
N ALA A 37 2.04 1.21 -11.74
CA ALA A 37 0.98 0.57 -10.98
C ALA A 37 -0.44 1.00 -11.18
N SER A 38 -0.77 2.17 -11.74
CA SER A 38 -2.15 2.63 -11.69
C SER A 38 -3.16 1.51 -11.89
N LYS A 39 -2.77 0.44 -12.53
CA LYS A 39 -3.67 -0.69 -12.60
C LYS A 39 -3.78 -1.28 -11.21
N PHE A 40 -2.63 -1.41 -10.64
CA PHE A 40 -2.44 -1.95 -9.32
C PHE A 40 -3.43 -1.43 -8.28
N ILE A 41 -3.53 -2.15 -7.17
CA ILE A 41 -4.40 -1.82 -6.05
C ILE A 41 -3.58 -1.85 -4.75
N VAL A 42 -4.02 -1.17 -3.70
CA VAL A 42 -3.27 -1.16 -2.46
C VAL A 42 -4.12 -1.64 -1.28
N CYS A 43 -3.48 -2.23 -0.24
CA CYS A 43 -4.22 -2.70 0.95
C CYS A 43 -3.43 -2.47 2.26
N VAL A 44 -4.18 -2.39 3.37
CA VAL A 44 -3.58 -2.17 4.70
C VAL A 44 -3.67 -3.44 5.56
N SER A 45 -2.72 -3.61 6.47
CA SER A 45 -2.71 -4.78 7.35
C SER A 45 -2.40 -4.39 8.78
N GLN A 46 -3.29 -4.77 9.71
CA GLN A 46 -3.10 -4.46 11.12
C GLN A 46 -3.56 -5.62 11.99
N SER A 47 -4.84 -5.96 11.90
CA SER A 47 -5.40 -7.06 12.67
C SER A 47 -5.74 -8.24 11.78
N SER A 48 -6.55 -9.16 12.29
CA SER A 48 -6.95 -10.35 11.53
C SER A 48 -7.71 -9.96 10.26
N ARG A 49 -8.33 -8.78 10.28
CA ARG A 49 -9.09 -8.30 9.13
C ARG A 49 -8.26 -7.35 8.26
N ILE A 50 -8.24 -7.64 6.96
CA ILE A 50 -7.49 -6.82 6.01
C ILE A 50 -8.38 -5.74 5.41
N LYS A 51 -7.85 -4.54 5.25
CA LYS A 51 -8.62 -3.42 4.69
C LYS A 51 -8.13 -3.06 3.29
N LEU A 52 -9.08 -2.71 2.41
CA LEU A 52 -8.75 -2.35 1.03
C LEU A 52 -8.46 -0.85 0.92
N ILE A 53 -7.61 -0.49 -0.05
CA ILE A 53 -7.24 0.91 -0.27
C ILE A 53 -7.30 1.25 -1.77
N THR A 54 -8.21 2.19 -2.13
CA THR A 54 -8.44 2.58 -3.52
C THR A 54 -7.97 4.02 -3.88
N GLU A 55 -8.82 4.81 -4.58
CA GLU A 55 -8.42 6.15 -5.07
C GLU A 55 -8.22 7.25 -4.04
N GLU A 56 -9.24 8.07 -3.66
CA GLU A 56 -8.93 9.08 -2.67
C GLU A 56 -8.78 8.39 -1.33
N GLU A 57 -9.83 7.69 -0.87
CA GLU A 57 -9.90 7.05 0.43
C GLU A 57 -8.78 6.14 0.81
N PHE A 58 -8.01 5.64 -0.12
CA PHE A 58 -7.01 4.69 0.29
C PHE A 58 -6.27 5.23 1.51
N LYS A 59 -5.90 6.50 1.48
CA LYS A 59 -5.25 7.08 2.64
C LYS A 59 -6.18 7.23 3.85
N GLN A 60 -7.34 7.84 3.63
CA GLN A 60 -8.31 8.10 4.71
C GLN A 60 -9.00 6.84 5.22
N ILE A 61 -9.42 5.99 4.29
CA ILE A 61 -10.13 4.78 4.65
C ILE A 61 -9.25 3.75 5.35
N CYS A 62 -8.04 3.47 4.85
CA CYS A 62 -7.21 2.47 5.52
C CYS A 62 -6.69 2.98 6.86
N PHE A 63 -6.20 4.21 6.86
CA PHE A 63 -5.66 4.80 8.06
C PHE A 63 -6.80 5.19 9.00
N ASN A 64 -7.95 5.51 8.42
CA ASN A 64 -9.13 5.91 9.19
C ASN A 64 -8.84 7.16 10.01
N SER A 65 -8.52 8.25 9.32
CA SER A 65 -8.23 9.52 9.99
C SER A 65 -7.04 9.38 10.94
N SER A 66 -6.73 10.46 11.64
CA SER A 66 -5.61 10.48 12.57
C SER A 66 -4.29 10.19 11.84
N SER A 67 -3.71 11.24 11.26
CA SER A 67 -2.46 11.11 10.50
C SER A 67 -1.24 11.13 11.42
N PRO A 68 -0.61 9.96 11.64
CA PRO A 68 0.52 9.82 12.52
C PRO A 68 1.87 9.54 11.81
N GLU A 69 2.36 8.32 12.02
CA GLU A 69 3.66 7.91 11.47
C GLU A 69 3.60 6.83 10.41
N ARG A 70 4.79 6.59 9.82
CA ARG A 70 4.99 5.61 8.76
C ARG A 70 4.18 4.34 9.00
N ASP A 71 3.55 3.84 7.94
CA ASP A 71 2.72 2.66 8.07
C ASP A 71 3.21 1.47 7.24
N ARG A 72 2.34 0.91 6.39
CA ARG A 72 2.70 -0.24 5.57
C ARG A 72 1.54 -0.60 4.64
N LEU A 73 1.39 0.13 3.55
CA LEU A 73 0.34 -0.16 2.59
C LEU A 73 0.88 -1.11 1.54
N ILE A 74 0.18 -2.20 1.29
CA ILE A 74 0.70 -3.17 0.35
C ILE A 74 0.33 -2.85 -1.12
N ILE A 75 1.30 -3.02 -2.05
CA ILE A 75 1.03 -2.80 -3.50
C ILE A 75 0.76 -4.13 -4.20
N VAL A 76 -0.29 -4.13 -5.02
CA VAL A 76 -0.69 -5.31 -5.79
C VAL A 76 -1.13 -4.95 -7.21
N PRO A 77 -0.86 -5.83 -8.20
CA PRO A 77 -1.22 -5.60 -9.60
C PRO A 77 -2.71 -5.88 -9.90
N LYS A 78 -3.33 -4.98 -10.68
CA LYS A 78 -4.74 -5.13 -11.05
C LYS A 78 -4.96 -6.39 -11.86
N GLU A 79 -4.08 -6.58 -12.85
CA GLU A 79 -4.14 -7.76 -13.72
C GLU A 79 -4.48 -9.00 -12.89
N LYS A 80 -4.07 -8.98 -11.62
CA LYS A 80 -4.32 -10.06 -10.68
C LYS A 80 -3.72 -9.71 -9.33
N PRO A 81 -4.47 -8.92 -8.51
CA PRO A 81 -4.02 -8.47 -7.20
C PRO A 81 -4.30 -9.49 -6.09
N CYS A 82 -4.83 -9.05 -4.94
CA CYS A 82 -5.11 -9.93 -3.81
C CYS A 82 -3.88 -10.03 -2.93
N PRO A 83 -3.99 -9.62 -1.65
CA PRO A 83 -2.86 -9.66 -0.71
C PRO A 83 -2.28 -11.05 -0.56
N SER A 84 -0.97 -11.11 -0.35
CA SER A 84 -0.26 -12.38 -0.21
C SER A 84 0.95 -12.22 0.72
N PHE A 85 2.14 -12.63 0.26
CA PHE A 85 3.35 -12.52 1.08
C PHE A 85 3.52 -11.11 1.62
N GLU A 86 3.16 -10.12 0.82
CA GLU A 86 3.28 -8.72 1.22
C GLU A 86 2.39 -8.40 2.42
N ASP A 87 1.14 -8.84 2.36
CA ASP A 87 0.19 -8.60 3.44
C ASP A 87 0.69 -9.23 4.74
N LEU A 88 1.41 -10.32 4.62
CA LEU A 88 1.94 -11.03 5.78
C LEU A 88 3.24 -10.37 6.27
N ARG A 89 4.40 -10.94 5.91
CA ARG A 89 5.69 -10.39 6.32
C ARG A 89 5.73 -10.15 7.83
N ARG A 90 6.93 -9.94 8.37
CA ARG A 90 7.07 -9.67 9.79
C ARG A 90 6.64 -8.24 10.10
N SER A 91 6.16 -7.53 9.06
CA SER A 91 5.71 -6.15 9.21
C SER A 91 4.26 -6.11 9.69
N TRP A 92 3.46 -7.09 9.25
CA TRP A 92 2.04 -7.18 9.62
C TRP A 92 1.67 -6.25 10.78
N GLU A 93 2.36 -6.41 11.91
CA GLU A 93 2.12 -5.59 13.08
C GLU A 93 3.23 -4.55 13.26
N ILE A 94 2.99 -3.32 12.83
CA ILE A 94 3.98 -2.26 12.96
C ILE A 94 3.34 -0.88 12.94
N GLU A 95 2.30 -0.73 12.13
CA GLU A 95 1.59 0.55 11.99
C GLU A 95 2.48 1.60 11.34
N CYS A 1 4.53 13.98 2.67
CA CYS A 1 5.46 13.38 3.67
C CYS A 1 5.97 12.02 3.18
N ILE A 2 6.46 11.20 4.11
CA ILE A 2 6.98 9.89 3.76
C ILE A 2 6.00 8.79 4.15
N LEU A 3 5.64 7.96 3.17
CA LEU A 3 4.73 6.85 3.39
C LEU A 3 5.43 5.52 3.11
N ARG A 4 4.90 4.45 3.67
CA ARG A 4 5.50 3.14 3.50
C ARG A 4 4.79 2.36 2.40
N PHE A 5 5.55 1.94 1.40
CA PHE A 5 5.00 1.17 0.28
C PHE A 5 5.54 -0.25 0.31
N ILE A 6 4.66 -1.24 0.16
CA ILE A 6 5.09 -2.63 0.14
C ILE A 6 4.36 -3.36 -0.97
N ALA A 7 5.07 -4.03 -1.86
CA ALA A 7 4.41 -4.71 -2.96
C ALA A 7 5.02 -6.06 -3.29
N CYS A 8 4.18 -6.98 -3.79
CA CYS A 8 4.68 -8.30 -4.27
C CYS A 8 4.31 -9.52 -3.39
N ASN A 9 5.33 -10.30 -3.00
CA ASN A 9 5.17 -11.36 -1.99
C ASN A 9 5.51 -10.83 -0.60
N GLY A 10 6.47 -9.88 -0.61
CA GLY A 10 7.00 -9.28 0.60
C GLY A 10 8.11 -8.27 0.31
N GLN A 11 8.00 -7.57 -0.81
CA GLN A 11 8.99 -6.55 -1.19
C GLN A 11 8.65 -5.26 -0.43
N THR A 12 9.62 -4.66 0.26
CA THR A 12 9.30 -3.45 1.02
C THR A 12 10.31 -2.32 0.89
N ARG A 13 9.75 -1.14 0.60
CA ARG A 13 10.52 0.10 0.50
C ARG A 13 9.63 1.27 0.98
N ALA A 14 10.22 2.39 1.41
CA ALA A 14 9.38 3.51 1.87
C ALA A 14 9.67 4.79 1.09
N VAL A 15 8.63 5.29 0.43
CA VAL A 15 8.75 6.47 -0.43
C VAL A 15 7.74 7.56 -0.11
N GLN A 16 8.17 8.81 -0.31
CA GLN A 16 7.31 9.96 -0.09
C GLN A 16 5.89 9.75 -0.64
N SER A 17 4.95 10.47 -0.07
CA SER A 17 3.54 10.40 -0.47
C SER A 17 2.70 11.31 0.43
N ARG A 18 1.48 11.64 -0.02
CA ARG A 18 0.60 12.50 0.76
C ARG A 18 -0.83 12.51 0.18
N GLY A 19 -1.13 13.49 -0.67
CA GLY A 19 -2.47 13.59 -1.25
C GLY A 19 -2.67 12.68 -2.45
N ASP A 20 -3.90 12.16 -2.59
CA ASP A 20 -4.23 11.28 -3.70
C ASP A 20 -3.47 9.96 -3.59
N TYR A 21 -4.07 8.88 -4.09
CA TYR A 21 -3.44 7.58 -4.03
C TYR A 21 -2.98 7.09 -5.39
N GLN A 22 -3.53 7.66 -6.46
CA GLN A 22 -3.19 7.23 -7.81
C GLN A 22 -1.74 7.57 -8.16
N LYS A 23 -1.31 8.80 -7.91
CA LYS A 23 0.06 9.17 -8.22
C LYS A 23 1.03 8.36 -7.39
N THR A 24 0.76 8.29 -6.09
CA THR A 24 1.60 7.54 -5.18
C THR A 24 1.57 6.05 -5.53
N LEU A 25 0.39 5.53 -5.85
CA LEU A 25 0.23 4.14 -6.22
C LEU A 25 0.89 3.86 -7.55
N ALA A 26 0.63 4.71 -8.55
CA ALA A 26 1.20 4.46 -9.86
C ALA A 26 2.72 4.57 -9.85
N ILE A 27 3.29 5.69 -9.40
CA ILE A 27 4.71 5.86 -9.43
C ILE A 27 5.44 4.90 -8.48
N ALA A 28 4.90 4.66 -7.30
CA ALA A 28 5.55 3.77 -6.35
C ALA A 28 5.83 2.45 -7.03
N LEU A 29 4.80 1.98 -7.72
CA LEU A 29 4.87 0.73 -8.43
C LEU A 29 5.86 0.72 -9.57
N LYS A 30 5.97 1.82 -10.33
CA LYS A 30 6.86 1.84 -11.47
C LYS A 30 8.29 1.61 -11.04
N LYS A 31 8.70 2.33 -10.03
CA LYS A 31 10.04 2.17 -9.52
C LYS A 31 10.16 0.89 -8.70
N PHE A 32 9.04 0.44 -8.12
CA PHE A 32 9.08 -0.69 -7.21
C PHE A 32 9.26 -2.10 -7.79
N SER A 33 8.31 -2.61 -8.57
CA SER A 33 8.49 -3.86 -9.30
C SER A 33 8.43 -3.68 -10.83
N LEU A 34 7.36 -2.90 -11.20
CA LEU A 34 6.89 -2.71 -12.58
C LEU A 34 7.06 -1.31 -13.18
N GLU A 35 6.17 -1.00 -14.15
CA GLU A 35 6.11 0.28 -14.83
C GLU A 35 4.65 0.54 -15.20
N ASP A 36 4.23 1.80 -15.15
CA ASP A 36 2.85 2.17 -15.50
C ASP A 36 1.83 1.46 -14.61
N ALA A 37 1.89 1.68 -13.30
CA ALA A 37 1.05 1.07 -12.26
C ALA A 37 -0.47 1.20 -12.28
N SER A 38 -1.10 2.18 -12.92
CA SER A 38 -2.55 2.33 -12.69
C SER A 38 -3.27 0.99 -12.67
N LYS A 39 -2.73 -0.04 -13.31
CA LYS A 39 -3.35 -1.33 -13.17
C LYS A 39 -2.77 -2.04 -11.98
N PHE A 40 -3.13 -1.49 -10.90
CA PHE A 40 -2.73 -1.99 -9.60
C PHE A 40 -3.72 -1.53 -8.53
N ILE A 41 -3.63 -2.10 -7.33
CA ILE A 41 -4.50 -1.71 -6.22
C ILE A 41 -3.65 -1.69 -4.94
N VAL A 42 -4.10 -1.00 -3.89
CA VAL A 42 -3.33 -0.94 -2.65
C VAL A 42 -4.11 -1.51 -1.49
N CYS A 43 -3.40 -1.98 -0.48
CA CYS A 43 -4.03 -2.55 0.72
C CYS A 43 -3.26 -2.16 1.99
N VAL A 44 -3.98 -2.16 3.13
CA VAL A 44 -3.39 -1.82 4.43
C VAL A 44 -4.32 -2.34 5.53
N SER A 45 -3.87 -2.34 6.79
CA SER A 45 -4.70 -2.85 7.88
C SER A 45 -4.54 -2.03 9.16
N GLN A 46 -5.49 -2.21 10.09
CA GLN A 46 -5.45 -1.51 11.37
C GLN A 46 -4.99 -2.48 12.47
N SER A 47 -5.25 -3.77 12.25
CA SER A 47 -4.87 -4.81 13.20
C SER A 47 -4.51 -6.10 12.45
N SER A 48 -5.17 -7.21 12.77
CA SER A 48 -4.89 -8.48 12.10
C SER A 48 -5.64 -8.55 10.77
N ARG A 49 -6.82 -7.96 10.73
CA ARG A 49 -7.63 -7.95 9.51
C ARG A 49 -6.94 -7.14 8.41
N ILE A 50 -7.30 -7.43 7.16
CA ILE A 50 -6.70 -6.73 6.02
C ILE A 50 -7.74 -5.86 5.31
N LYS A 51 -7.31 -4.68 4.87
CA LYS A 51 -8.20 -3.76 4.18
C LYS A 51 -7.75 -3.51 2.75
N LEU A 52 -8.71 -3.27 1.87
CA LEU A 52 -8.44 -3.00 0.46
C LEU A 52 -8.52 -1.50 0.20
N ILE A 53 -7.41 -0.91 -0.24
CA ILE A 53 -7.41 0.52 -0.51
C ILE A 53 -7.68 0.83 -1.98
N THR A 54 -8.79 1.57 -2.20
CA THR A 54 -9.26 1.96 -3.52
C THR A 54 -8.49 3.12 -4.14
N GLU A 55 -9.06 4.36 -4.15
CA GLU A 55 -8.34 5.46 -4.80
C GLU A 55 -8.23 6.77 -4.05
N GLU A 56 -9.31 7.58 -3.83
CA GLU A 56 -9.04 8.81 -3.10
C GLU A 56 -8.88 8.55 -1.61
N GLU A 57 -9.92 8.03 -0.92
CA GLU A 57 -9.97 7.72 0.51
C GLU A 57 -9.00 6.69 1.01
N PHE A 58 -8.43 5.92 0.13
CA PHE A 58 -7.68 4.74 0.54
C PHE A 58 -6.84 5.04 1.77
N LYS A 59 -6.35 6.24 1.92
CA LYS A 59 -5.61 6.56 3.13
C LYS A 59 -6.56 6.50 4.34
N GLN A 60 -7.73 7.11 4.17
CA GLN A 60 -8.76 7.17 5.21
C GLN A 60 -9.42 5.81 5.47
N ILE A 61 -9.69 5.05 4.41
CA ILE A 61 -10.37 3.77 4.58
C ILE A 61 -9.53 2.71 5.26
N CYS A 62 -8.28 2.52 4.84
CA CYS A 62 -7.44 1.50 5.47
C CYS A 62 -7.04 1.91 6.88
N PHE A 63 -6.61 3.16 7.03
CA PHE A 63 -6.19 3.65 8.34
C PHE A 63 -7.41 3.98 9.21
N ASN A 64 -8.59 4.01 8.59
CA ASN A 64 -9.86 4.30 9.26
C ASN A 64 -10.20 5.79 9.24
N SER A 65 -9.24 6.63 9.60
CA SER A 65 -9.47 8.07 9.60
C SER A 65 -8.24 8.84 10.11
N SER A 66 -8.34 9.47 11.28
CA SER A 66 -7.25 10.24 11.84
C SER A 66 -6.08 9.34 12.22
N SER A 67 -4.88 9.74 11.82
CA SER A 67 -3.68 8.97 12.11
C SER A 67 -2.45 9.88 12.16
N PRO A 68 -1.35 9.40 12.78
CA PRO A 68 -0.12 10.18 12.89
C PRO A 68 0.66 10.24 11.57
N GLU A 69 0.23 9.43 10.59
CA GLU A 69 0.86 9.40 9.27
C GLU A 69 0.53 8.08 8.53
N ARG A 70 1.56 7.30 8.20
CA ARG A 70 1.39 6.04 7.49
C ARG A 70 2.13 4.92 8.22
N ASP A 71 2.06 3.69 7.72
CA ASP A 71 2.75 2.59 8.39
C ASP A 71 3.40 1.58 7.45
N ARG A 72 2.63 0.97 6.55
CA ARG A 72 3.18 0.00 5.60
C ARG A 72 2.08 -0.51 4.67
N LEU A 73 1.89 0.15 3.53
CA LEU A 73 0.87 -0.26 2.59
C LEU A 73 1.37 -1.36 1.68
N ILE A 74 0.47 -1.95 0.91
CA ILE A 74 0.83 -3.04 0.02
C ILE A 74 0.34 -2.83 -1.41
N ILE A 75 1.13 -3.27 -2.38
CA ILE A 75 0.78 -3.13 -3.78
C ILE A 75 0.46 -4.43 -4.48
N VAL A 76 -0.62 -4.38 -5.24
CA VAL A 76 -1.12 -5.49 -6.04
C VAL A 76 -1.41 -5.01 -7.48
N PRO A 77 -1.00 -5.79 -8.51
CA PRO A 77 -1.18 -5.40 -9.92
C PRO A 77 -2.58 -5.64 -10.50
N LYS A 78 -3.61 -5.60 -9.67
CA LYS A 78 -4.97 -5.80 -10.17
C LYS A 78 -5.10 -7.16 -10.86
N GLU A 79 -4.44 -7.29 -12.01
CA GLU A 79 -4.46 -8.54 -12.81
C GLU A 79 -4.66 -9.78 -11.92
N LYS A 80 -4.09 -9.74 -10.73
CA LYS A 80 -4.21 -10.83 -9.77
C LYS A 80 -3.50 -10.47 -8.46
N PRO A 81 -4.21 -9.83 -7.52
CA PRO A 81 -3.65 -9.41 -6.24
C PRO A 81 -3.57 -10.55 -5.23
N CYS A 82 -3.49 -10.18 -3.95
CA CYS A 82 -3.40 -11.13 -2.85
C CYS A 82 -2.92 -10.43 -1.58
N PRO A 83 -3.76 -9.57 -0.99
CA PRO A 83 -3.41 -8.83 0.23
C PRO A 83 -3.02 -9.77 1.37
N SER A 84 -1.72 -9.89 1.63
CA SER A 84 -1.24 -10.75 2.70
C SER A 84 0.30 -10.84 2.69
N PHE A 85 0.85 -11.89 2.04
CA PHE A 85 2.30 -12.08 1.96
C PHE A 85 3.02 -10.76 2.03
N GLU A 86 2.62 -9.86 1.14
CA GLU A 86 3.21 -8.54 1.07
C GLU A 86 2.85 -7.73 2.32
N ASP A 87 3.88 -7.18 2.95
CA ASP A 87 3.70 -6.36 4.16
C ASP A 87 3.20 -7.16 5.36
N LEU A 88 2.09 -7.88 5.22
CA LEU A 88 1.55 -8.64 6.34
C LEU A 88 2.60 -9.55 6.94
N ARG A 89 3.02 -10.57 6.18
CA ARG A 89 4.04 -11.52 6.65
C ARG A 89 3.89 -11.78 8.15
N ARG A 90 5.01 -11.86 8.87
CA ARG A 90 4.98 -12.08 10.31
C ARG A 90 5.06 -10.74 11.03
N SER A 91 3.90 -10.11 11.21
CA SER A 91 3.82 -8.81 11.86
C SER A 91 4.73 -7.80 11.17
N TRP A 92 4.25 -7.27 10.04
CA TRP A 92 4.98 -6.29 9.22
C TRP A 92 6.13 -5.60 9.97
N GLU A 93 5.87 -5.10 11.17
CA GLU A 93 6.91 -4.42 11.94
C GLU A 93 6.47 -4.08 13.36
N ILE A 94 5.20 -3.74 13.52
CA ILE A 94 4.67 -3.41 14.85
C ILE A 94 3.62 -4.42 15.28
N GLU A 95 2.78 -4.85 14.33
CA GLU A 95 1.75 -5.82 14.62
C GLU A 95 1.35 -6.59 13.36
#